data_8CO0
#
_entry.id   8CO0
#
_cell.length_a   152.951
_cell.length_b   152.951
_cell.length_c   172.438
_cell.angle_alpha   90.00
_cell.angle_beta   90.00
_cell.angle_gamma   120.00
#
_symmetry.space_group_name_H-M   'H 3'
#
loop_
_entity.id
_entity.type
_entity.pdbx_description
1 polymer 'Carbonic anhydrase 9'
2 non-polymer 'ZINC ION'
3 non-polymer 5-(5-methyl-6-quinolin-5-yl-pyridin-3-yl)thiophene-2-sulfonamide
4 non-polymer GLYCEROL
5 water water
#
_entity_poly.entity_id   1
_entity_poly.type   'polypeptide(L)'
_entity_poly.pdbx_seq_one_letter_code
;GPDQSHWRYGGDPPWPRVSPACAGRFQSPVDIRPQLAAFSPALRPLELLGFQLPPLPELRLRNNGHSVQLTLPPGLEMAL
GPGREYRALQLHLHWGAAGRPGSEHTVEGHRFPAEIHVVHLSTAFARVDEALGRPGGLAVLAAFLEEGPEENSAYEQLLS
RLEEIAEEGSETQVPGLDISALLPSDFSRYFQYEGSLTTPPCAQGVIWTVFQQTVMLSAKQLHTLSDTLWGPGDSRLQLN
FRATQPLNGRVIEASFP
;
_entity_poly.pdbx_strand_id   A,C,E,G
#
loop_
_chem_comp.id
_chem_comp.type
_chem_comp.name
_chem_comp.formula
GOL non-polymer GLYCEROL 'C3 H8 O3'
V8O non-polymer 5-(5-methyl-6-quinolin-5-yl-pyridin-3-yl)thiophene-2-sulfonamide 'C19 H15 N3 O2 S2'
ZN non-polymer 'ZINC ION' 'Zn 2'
#
# COMPACT_ATOMS: atom_id res chain seq x y z
N TRP A 7 9.82 -16.11 -14.80
CA TRP A 7 8.64 -16.71 -15.51
C TRP A 7 8.30 -15.93 -16.79
N ARG A 8 7.84 -16.67 -17.82
CA ARG A 8 7.39 -16.07 -19.08
C ARG A 8 6.19 -16.84 -19.69
N TYR A 9 5.46 -16.18 -20.59
CA TYR A 9 4.48 -16.84 -21.47
C TYR A 9 5.24 -17.58 -22.58
N GLY A 10 4.68 -18.70 -23.06
CA GLY A 10 5.27 -19.44 -24.17
C GLY A 10 6.22 -20.56 -23.70
N GLY A 11 7.31 -20.18 -23.02
CA GLY A 11 8.35 -21.12 -22.64
C GLY A 11 8.52 -21.29 -21.13
N ASP A 12 9.67 -21.90 -20.77
CA ASP A 12 10.03 -22.29 -19.41
C ASP A 12 10.48 -21.07 -18.61
N PRO A 13 10.56 -21.10 -17.25
CA PRO A 13 10.30 -22.30 -16.43
C PRO A 13 8.82 -22.71 -16.32
N PRO A 14 8.48 -24.01 -16.09
CA PRO A 14 7.10 -24.40 -15.78
C PRO A 14 6.61 -23.66 -14.52
N TRP A 15 5.37 -23.13 -14.60
CA TRP A 15 4.84 -22.20 -13.61
C TRP A 15 4.72 -22.81 -12.20
N PRO A 16 4.33 -24.11 -12.01
CA PRO A 16 4.37 -24.76 -10.69
C PRO A 16 5.72 -24.82 -9.97
N ARG A 17 6.84 -24.76 -10.71
CA ARG A 17 8.18 -24.74 -10.11
C ARG A 17 8.49 -23.35 -9.57
N VAL A 18 8.03 -22.29 -10.27
CA VAL A 18 8.09 -20.91 -9.82
C VAL A 18 7.21 -20.73 -8.58
N SER A 19 5.93 -21.12 -8.68
CA SER A 19 4.99 -20.98 -7.58
C SER A 19 4.06 -22.19 -7.57
N PRO A 20 4.05 -23.03 -6.50
CA PRO A 20 3.20 -24.22 -6.45
C PRO A 20 1.68 -23.98 -6.55
N ALA A 21 1.22 -22.79 -6.14
CA ALA A 21 -0.17 -22.41 -6.29
C ALA A 21 -0.61 -22.44 -7.76
N CYS A 22 0.32 -22.39 -8.73
CA CYS A 22 -0.06 -22.42 -10.14
C CYS A 22 -0.56 -23.80 -10.59
N ALA A 23 -0.55 -24.79 -9.68
CA ALA A 23 -1.10 -26.12 -9.91
C ALA A 23 -2.31 -26.40 -9.03
N GLY A 24 -2.89 -25.36 -8.43
CA GLY A 24 -4.12 -25.48 -7.69
C GLY A 24 -5.25 -25.97 -8.59
N ARG A 25 -6.32 -26.48 -7.96
CA ARG A 25 -7.49 -27.03 -8.61
C ARG A 25 -8.41 -25.91 -9.10
N PHE A 26 -8.27 -24.68 -8.56
CA PHE A 26 -9.26 -23.60 -8.71
C PHE A 26 -8.59 -22.35 -9.29
N GLN A 27 -8.16 -22.46 -10.56
CA GLN A 27 -7.35 -21.43 -11.21
C GLN A 27 -8.24 -20.66 -12.19
N SER A 28 -7.66 -19.55 -12.69
CA SER A 28 -8.21 -18.61 -13.66
C SER A 28 -7.19 -18.46 -14.76
N PRO A 29 -7.58 -18.08 -16.01
CA PRO A 29 -8.97 -17.78 -16.37
C PRO A 29 -9.79 -19.03 -16.69
N VAL A 30 -11.06 -18.81 -17.03
CA VAL A 30 -11.99 -19.90 -17.23
C VAL A 30 -12.86 -19.59 -18.45
N ASP A 31 -13.52 -20.64 -18.94
CA ASP A 31 -14.49 -20.49 -20.01
C ASP A 31 -15.86 -20.29 -19.39
N ILE A 32 -16.51 -19.16 -19.71
CA ILE A 32 -17.81 -18.86 -19.12
C ILE A 32 -18.88 -19.42 -20.07
N ARG A 33 -19.67 -20.36 -19.54
CA ARG A 33 -20.82 -20.92 -20.25
C ARG A 33 -22.05 -20.38 -19.56
N PRO A 34 -22.68 -19.30 -20.10
CA PRO A 34 -23.75 -18.59 -19.42
C PRO A 34 -24.98 -19.46 -19.08
N GLN A 35 -25.27 -20.48 -19.89
CA GLN A 35 -26.33 -21.44 -19.58
C GLN A 35 -26.02 -22.28 -18.33
N LEU A 36 -24.74 -22.47 -17.97
CA LEU A 36 -24.42 -23.20 -16.75
C LEU A 36 -24.21 -22.23 -15.58
N ALA A 37 -24.42 -20.92 -15.79
CA ALA A 37 -24.19 -19.94 -14.72
C ALA A 37 -25.43 -19.93 -13.86
N ALA A 38 -25.23 -19.68 -12.57
CA ALA A 38 -26.30 -19.62 -11.58
C ALA A 38 -26.71 -18.16 -11.38
N PHE A 39 -27.97 -17.84 -11.71
CA PHE A 39 -28.51 -16.52 -11.43
C PHE A 39 -28.52 -16.36 -9.92
N SER A 40 -27.84 -15.32 -9.40
CA SER A 40 -28.00 -14.95 -8.00
C SER A 40 -28.43 -13.50 -7.89
N PRO A 41 -29.66 -13.18 -7.44
CA PRO A 41 -30.07 -11.79 -7.27
C PRO A 41 -29.44 -11.08 -6.07
N ALA A 42 -28.59 -11.76 -5.28
CA ALA A 42 -27.82 -11.05 -4.26
C ALA A 42 -26.71 -10.19 -4.88
N LEU A 43 -26.33 -10.48 -6.14
CA LEU A 43 -25.29 -9.72 -6.85
C LEU A 43 -25.85 -8.41 -7.38
N ARG A 44 -25.59 -7.36 -6.60
CA ARG A 44 -26.03 -6.01 -6.91
C ARG A 44 -25.01 -5.31 -7.80
N PRO A 45 -25.38 -4.12 -8.34
CA PRO A 45 -24.44 -3.28 -9.11
C PRO A 45 -23.16 -2.95 -8.34
N LEU A 46 -22.04 -3.06 -9.05
CA LEU A 46 -20.73 -2.64 -8.54
C LEU A 46 -20.72 -1.13 -8.28
N GLU A 47 -20.07 -0.70 -7.19
CA GLU A 47 -19.91 0.72 -6.85
C GLU A 47 -18.43 1.07 -6.79
N LEU A 48 -18.09 2.15 -7.52
CA LEU A 48 -16.76 2.73 -7.57
C LEU A 48 -16.83 4.13 -6.98
N LEU A 49 -15.82 4.51 -6.20
CA LEU A 49 -15.73 5.86 -5.68
C LEU A 49 -14.27 6.30 -5.81
N GLY A 50 -14.05 7.53 -6.30
CA GLY A 50 -12.72 8.11 -6.45
C GLY A 50 -12.01 7.75 -7.76
N PHE A 51 -12.70 7.15 -8.74
CA PHE A 51 -12.01 6.69 -9.94
C PHE A 51 -11.74 7.81 -10.96
N GLN A 52 -12.37 8.98 -10.75
CA GLN A 52 -12.20 10.16 -11.59
C GLN A 52 -11.07 11.01 -11.00
N LEU A 53 -9.87 10.84 -11.57
CA LEU A 53 -8.64 11.42 -11.05
C LEU A 53 -8.43 12.81 -11.65
N PRO A 54 -7.83 13.76 -10.89
CA PRO A 54 -7.29 14.97 -11.49
C PRO A 54 -6.07 14.58 -12.31
N PRO A 55 -5.61 15.48 -13.20
CA PRO A 55 -4.43 15.27 -14.02
C PRO A 55 -3.10 15.13 -13.27
N LEU A 56 -2.92 15.91 -12.18
CA LEU A 56 -1.78 15.78 -11.28
C LEU A 56 -2.28 15.33 -9.92
N PRO A 57 -1.56 14.42 -9.19
CA PRO A 57 -0.29 13.84 -9.67
C PRO A 57 -0.40 12.80 -10.80
N GLU A 58 0.66 12.69 -11.59
CA GLU A 58 0.72 11.74 -12.70
C GLU A 58 0.81 10.31 -12.17
N LEU A 59 0.56 9.33 -13.06
CA LEU A 59 0.50 7.92 -12.75
C LEU A 59 1.65 7.26 -13.52
N ARG A 60 2.18 6.14 -13.02
CA ARG A 60 3.18 5.39 -13.77
C ARG A 60 2.60 4.26 -14.63
N LEU A 61 3.07 4.23 -15.88
CA LEU A 61 2.65 3.28 -16.90
C LEU A 61 3.89 2.53 -17.33
N ARG A 62 3.89 1.21 -17.09
CA ARG A 62 5.09 0.40 -17.20
C ARG A 62 4.88 -0.79 -18.12
N ASN A 63 5.85 -1.01 -19.00
CA ASN A 63 6.06 -2.27 -19.71
C ASN A 63 6.94 -3.17 -18.85
N ASN A 64 6.33 -4.14 -18.16
CA ASN A 64 7.02 -5.06 -17.26
C ASN A 64 7.41 -6.37 -17.96
N GLY A 65 7.34 -6.44 -19.30
CA GLY A 65 7.67 -7.66 -20.01
C GLY A 65 6.50 -8.61 -20.24
N HIS A 66 5.48 -8.59 -19.35
CA HIS A 66 4.33 -9.50 -19.41
C HIS A 66 3.05 -8.77 -19.83
N SER A 67 2.99 -7.48 -19.50
CA SER A 67 1.81 -6.66 -19.72
C SER A 67 2.22 -5.19 -19.73
N VAL A 68 1.26 -4.31 -20.07
CA VAL A 68 1.37 -2.91 -19.74
C VAL A 68 0.49 -2.64 -18.51
N GLN A 69 1.12 -2.03 -17.49
CA GLN A 69 0.50 -1.88 -16.19
C GLN A 69 0.49 -0.41 -15.77
N LEU A 70 -0.69 0.05 -15.34
CA LEU A 70 -0.88 1.37 -14.76
C LEU A 70 -1.08 1.22 -13.25
N THR A 71 -0.18 1.84 -12.50
CA THR A 71 -0.24 1.88 -11.05
C THR A 71 -1.21 2.97 -10.62
N LEU A 72 -2.15 2.60 -9.74
CA LEU A 72 -3.22 3.50 -9.34
C LEU A 72 -2.84 4.12 -8.01
N PRO A 73 -3.28 5.35 -7.71
CA PRO A 73 -2.98 5.98 -6.44
C PRO A 73 -3.93 5.55 -5.32
N PRO A 74 -3.63 5.95 -4.07
CA PRO A 74 -4.61 5.83 -2.98
C PRO A 74 -5.94 6.53 -3.29
N GLY A 75 -7.04 5.98 -2.75
CA GLY A 75 -8.34 6.63 -2.68
C GLY A 75 -9.33 6.15 -3.73
N LEU A 76 -8.96 5.11 -4.51
CA LEU A 76 -9.90 4.46 -5.43
C LEU A 76 -10.55 3.28 -4.71
N GLU A 77 -11.86 3.39 -4.45
CA GLU A 77 -12.62 2.43 -3.68
C GLU A 77 -13.68 1.75 -4.54
N MET A 78 -13.82 0.45 -4.33
CA MET A 78 -14.74 -0.39 -5.06
C MET A 78 -15.43 -1.30 -4.05
N ALA A 79 -16.74 -1.52 -4.26
CA ALA A 79 -17.49 -2.43 -3.39
C ALA A 79 -18.24 -3.40 -4.28
N LEU A 80 -18.14 -4.70 -3.95
CA LEU A 80 -18.81 -5.78 -4.64
C LEU A 80 -20.23 -5.92 -4.10
N GLY A 81 -20.41 -5.41 -2.89
CA GLY A 81 -21.72 -5.28 -2.28
C GLY A 81 -21.57 -4.58 -0.93
N PRO A 82 -22.68 -4.39 -0.18
CA PRO A 82 -22.57 -3.88 1.19
C PRO A 82 -21.62 -4.72 2.06
N GLY A 83 -20.62 -4.04 2.63
CA GLY A 83 -19.64 -4.62 3.54
C GLY A 83 -18.51 -5.36 2.83
N ARG A 84 -18.44 -5.30 1.49
CA ARG A 84 -17.45 -6.01 0.69
C ARG A 84 -16.59 -4.98 -0.06
N GLU A 85 -15.67 -4.34 0.67
CA GLU A 85 -14.98 -3.16 0.19
C GLU A 85 -13.51 -3.43 -0.08
N TYR A 86 -13.01 -2.73 -1.12
CA TYR A 86 -11.72 -2.91 -1.76
C TYR A 86 -11.16 -1.56 -2.17
N ARG A 87 -9.83 -1.54 -2.30
CA ARG A 87 -9.05 -0.43 -2.84
C ARG A 87 -8.29 -0.88 -4.08
N ALA A 88 -8.29 -0.06 -5.13
CA ALA A 88 -7.63 -0.41 -6.37
C ALA A 88 -6.12 -0.18 -6.24
N LEU A 89 -5.32 -1.14 -6.77
CA LEU A 89 -3.85 -1.10 -6.76
C LEU A 89 -3.30 -0.74 -8.14
N GLN A 90 -3.79 -1.42 -9.18
CA GLN A 90 -3.25 -1.28 -10.52
C GLN A 90 -4.24 -1.84 -11.54
N LEU A 91 -4.05 -1.48 -12.81
CA LEU A 91 -4.71 -2.21 -13.90
C LEU A 91 -3.68 -2.52 -14.99
N HIS A 92 -4.01 -3.49 -15.84
CA HIS A 92 -3.14 -3.94 -16.90
C HIS A 92 -3.97 -4.67 -17.95
N LEU A 93 -3.34 -4.99 -19.08
CA LEU A 93 -4.03 -5.53 -20.24
C LEU A 93 -3.41 -6.86 -20.68
N HIS A 94 -4.25 -7.65 -21.36
CA HIS A 94 -3.87 -8.87 -22.04
C HIS A 94 -4.43 -8.85 -23.46
N TRP A 95 -3.66 -9.31 -24.43
CA TRP A 95 -4.02 -9.09 -25.82
C TRP A 95 -3.36 -10.15 -26.71
N GLY A 96 -3.72 -10.17 -27.99
CA GLY A 96 -3.22 -11.17 -28.92
C GLY A 96 -2.18 -10.59 -29.88
N ALA A 97 -2.47 -10.76 -31.17
CA ALA A 97 -1.59 -10.38 -32.27
C ALA A 97 -2.47 -10.22 -33.53
N ALA A 98 -1.91 -9.68 -34.61
CA ALA A 98 -2.69 -9.41 -35.82
C ALA A 98 -3.46 -10.67 -36.21
N GLY A 99 -4.79 -10.54 -36.29
CA GLY A 99 -5.67 -11.63 -36.65
C GLY A 99 -5.82 -12.70 -35.56
N ARG A 100 -5.37 -12.43 -34.32
CA ARG A 100 -5.47 -13.41 -33.26
C ARG A 100 -5.97 -12.75 -31.98
N PRO A 101 -7.10 -13.20 -31.40
CA PRO A 101 -7.56 -12.68 -30.12
C PRO A 101 -6.69 -13.10 -28.93
N GLY A 102 -6.74 -12.31 -27.85
CA GLY A 102 -5.89 -12.58 -26.70
C GLY A 102 -6.51 -12.27 -25.35
N SER A 103 -7.85 -12.27 -25.26
CA SER A 103 -8.52 -12.21 -23.96
C SER A 103 -8.17 -13.46 -23.15
N GLU A 104 -8.26 -13.36 -21.82
CA GLU A 104 -7.92 -14.48 -20.95
C GLU A 104 -9.15 -15.36 -20.75
N HIS A 105 -10.22 -14.73 -20.27
CA HIS A 105 -11.53 -15.34 -20.21
C HIS A 105 -12.08 -15.54 -21.62
N THR A 106 -12.88 -16.61 -21.74
CA THR A 106 -13.61 -16.94 -22.96
C THR A 106 -15.08 -17.07 -22.57
N VAL A 107 -15.95 -16.85 -23.57
CA VAL A 107 -17.37 -17.08 -23.41
C VAL A 107 -17.81 -18.07 -24.48
N GLU A 108 -18.30 -19.24 -24.03
CA GLU A 108 -18.71 -20.35 -24.88
C GLU A 108 -17.62 -20.59 -25.92
N GLY A 109 -16.35 -20.51 -25.48
CA GLY A 109 -15.20 -20.79 -26.32
C GLY A 109 -14.74 -19.61 -27.18
N HIS A 110 -15.49 -18.49 -27.22
CA HIS A 110 -15.07 -17.30 -27.97
C HIS A 110 -13.99 -16.52 -27.22
N ARG A 111 -12.84 -16.28 -27.86
CA ARG A 111 -11.80 -15.43 -27.29
C ARG A 111 -11.94 -14.06 -27.92
N PHE A 112 -11.97 -13.02 -27.08
CA PHE A 112 -12.16 -11.64 -27.52
C PHE A 112 -10.80 -11.03 -27.82
N PRO A 113 -10.74 -9.91 -28.56
CA PRO A 113 -9.45 -9.33 -28.95
C PRO A 113 -8.50 -9.10 -27.76
N ALA A 114 -9.02 -8.51 -26.67
CA ALA A 114 -8.20 -8.17 -25.51
C ALA A 114 -9.04 -8.09 -24.23
N GLU A 115 -8.36 -7.85 -23.08
CA GLU A 115 -9.01 -7.84 -21.79
C GLU A 115 -8.29 -6.88 -20.86
N ILE A 116 -9.06 -6.18 -20.02
CA ILE A 116 -8.51 -5.32 -18.98
C ILE A 116 -8.78 -5.94 -17.63
N HIS A 117 -7.77 -5.89 -16.76
CA HIS A 117 -7.87 -6.31 -15.37
C HIS A 117 -7.59 -5.15 -14.44
N VAL A 118 -8.49 -4.93 -13.48
CA VAL A 118 -8.31 -3.92 -12.43
C VAL A 118 -8.27 -4.68 -11.11
N VAL A 119 -7.10 -4.63 -10.44
CA VAL A 119 -6.76 -5.48 -9.31
C VAL A 119 -6.92 -4.66 -8.03
N HIS A 120 -7.60 -5.26 -7.02
CA HIS A 120 -7.94 -4.58 -5.77
C HIS A 120 -7.56 -5.46 -4.59
N LEU A 121 -7.31 -4.80 -3.46
CA LEU A 121 -7.01 -5.39 -2.16
C LEU A 121 -8.18 -5.09 -1.22
N SER A 122 -8.65 -6.12 -0.51
CA SER A 122 -9.65 -5.95 0.52
C SER A 122 -9.15 -4.95 1.55
N THR A 123 -10.07 -4.09 2.01
CA THR A 123 -9.74 -3.10 3.03
C THR A 123 -9.42 -3.74 4.38
N ALA A 124 -9.70 -5.04 4.55
CA ALA A 124 -9.39 -5.73 5.79
C ALA A 124 -7.90 -6.01 5.94
N PHE A 125 -7.08 -5.67 4.93
CA PHE A 125 -5.66 -6.01 4.85
C PHE A 125 -4.86 -4.78 4.41
N ALA A 126 -3.75 -4.50 5.13
CA ALA A 126 -2.85 -3.40 4.81
C ALA A 126 -1.90 -3.76 3.69
N ARG A 127 -1.52 -5.02 3.55
CA ARG A 127 -0.49 -5.39 2.58
C ARG A 127 -1.00 -6.54 1.73
N VAL A 128 -0.64 -6.50 0.44
CA VAL A 128 -0.94 -7.55 -0.52
C VAL A 128 -0.49 -8.92 -0.04
N ASP A 129 0.72 -9.03 0.52
CA ASP A 129 1.27 -10.32 0.88
C ASP A 129 0.44 -10.99 1.97
N GLU A 130 -0.26 -10.23 2.83
CA GLU A 130 -1.16 -10.82 3.79
C GLU A 130 -2.50 -11.29 3.18
N ALA A 131 -2.87 -10.76 2.00
CA ALA A 131 -4.15 -11.04 1.36
C ALA A 131 -4.07 -12.25 0.43
N LEU A 132 -2.86 -12.56 -0.06
CA LEU A 132 -2.65 -13.59 -1.06
C LEU A 132 -3.08 -14.94 -0.51
N GLY A 133 -3.92 -15.65 -1.26
CA GLY A 133 -4.40 -16.97 -0.85
C GLY A 133 -5.51 -16.93 0.20
N ARG A 134 -5.86 -15.74 0.71
CA ARG A 134 -6.89 -15.60 1.74
C ARG A 134 -8.23 -15.35 1.05
N PRO A 135 -9.35 -15.89 1.58
CA PRO A 135 -10.65 -15.76 0.92
C PRO A 135 -11.08 -14.31 0.75
N GLY A 136 -11.31 -13.90 -0.51
CA GLY A 136 -11.79 -12.54 -0.78
C GLY A 136 -10.73 -11.45 -0.56
N GLY A 137 -9.47 -11.86 -0.42
CA GLY A 137 -8.41 -10.92 -0.08
C GLY A 137 -8.13 -9.98 -1.24
N LEU A 138 -8.13 -10.54 -2.47
CA LEU A 138 -7.96 -9.80 -3.73
C LEU A 138 -9.24 -9.97 -4.57
N ALA A 139 -9.62 -8.87 -5.24
CA ALA A 139 -10.69 -8.90 -6.22
C ALA A 139 -10.20 -8.29 -7.52
N VAL A 140 -10.49 -8.94 -8.67
CA VAL A 140 -10.19 -8.36 -9.97
C VAL A 140 -11.49 -8.10 -10.72
N LEU A 141 -11.60 -6.91 -11.34
CA LEU A 141 -12.66 -6.61 -12.31
C LEU A 141 -12.10 -6.84 -13.73
N ALA A 142 -12.83 -7.59 -14.56
CA ALA A 142 -12.38 -7.92 -15.90
C ALA A 142 -13.44 -7.48 -16.92
N ALA A 143 -13.01 -6.83 -18.02
CA ALA A 143 -13.84 -6.45 -19.15
C ALA A 143 -13.13 -6.88 -20.43
N PHE A 144 -13.89 -7.39 -21.39
CA PHE A 144 -13.39 -7.64 -22.73
C PHE A 144 -13.35 -6.33 -23.54
N LEU A 145 -12.32 -6.22 -24.38
CA LEU A 145 -12.17 -5.15 -25.36
C LEU A 145 -12.44 -5.72 -26.76
N GLU A 146 -13.31 -5.01 -27.49
CA GLU A 146 -13.69 -5.34 -28.86
C GLU A 146 -13.50 -4.12 -29.75
N GLU A 147 -13.51 -4.36 -31.06
CA GLU A 147 -13.48 -3.28 -32.02
C GLU A 147 -14.84 -2.61 -32.10
N GLY A 148 -14.80 -1.26 -32.04
CA GLY A 148 -15.89 -0.43 -32.49
C GLY A 148 -15.42 0.61 -33.49
N PRO A 149 -16.34 1.49 -33.92
CA PRO A 149 -16.06 2.47 -34.98
C PRO A 149 -15.27 3.71 -34.57
N GLU A 150 -15.26 4.02 -33.28
CA GLU A 150 -14.70 5.25 -32.76
C GLU A 150 -13.41 4.97 -31.98
N GLU A 151 -12.49 5.91 -32.08
CA GLU A 151 -11.38 6.02 -31.16
C GLU A 151 -11.88 6.22 -29.71
N ASN A 152 -11.46 5.30 -28.82
CA ASN A 152 -11.81 5.39 -27.42
C ASN A 152 -10.85 6.40 -26.78
N SER A 153 -11.36 7.53 -26.29
CA SER A 153 -10.46 8.61 -25.86
C SER A 153 -9.81 8.31 -24.50
N ALA A 154 -10.46 7.52 -23.62
CA ALA A 154 -9.83 7.12 -22.38
C ALA A 154 -8.64 6.21 -22.68
N TYR A 155 -8.81 5.22 -23.57
CA TYR A 155 -7.73 4.29 -23.89
C TYR A 155 -6.61 4.99 -24.66
N GLU A 156 -6.95 6.04 -25.40
CA GLU A 156 -5.98 6.73 -26.25
C GLU A 156 -4.90 7.38 -25.40
N GLN A 157 -5.25 7.83 -24.20
CA GLN A 157 -4.32 8.43 -23.25
C GLN A 157 -3.23 7.46 -22.82
N LEU A 158 -3.56 6.15 -22.78
CA LEU A 158 -2.54 5.15 -22.45
C LEU A 158 -1.84 4.69 -23.72
N LEU A 159 -2.58 4.48 -24.82
CA LEU A 159 -2.06 3.78 -25.98
C LEU A 159 -1.09 4.67 -26.75
N SER A 160 -1.32 5.99 -26.64
CA SER A 160 -0.52 6.99 -27.34
C SER A 160 0.85 7.12 -26.68
N ARG A 161 1.08 6.46 -25.55
CA ARG A 161 2.35 6.46 -24.85
C ARG A 161 3.09 5.13 -24.98
N LEU A 162 2.51 4.12 -25.63
CA LEU A 162 3.13 2.81 -25.67
C LEU A 162 4.49 2.86 -26.37
N GLU A 163 4.61 3.69 -27.41
CA GLU A 163 5.85 3.81 -28.17
C GLU A 163 7.00 4.19 -27.23
N GLU A 164 6.73 5.06 -26.24
CA GLU A 164 7.69 5.47 -25.24
C GLU A 164 8.16 4.33 -24.35
N ILE A 165 7.35 3.28 -24.16
CA ILE A 165 7.67 2.18 -23.25
C ILE A 165 7.78 0.86 -24.04
N ALA A 166 8.19 0.94 -25.32
CA ALA A 166 8.32 -0.24 -26.17
C ALA A 166 9.35 -1.23 -25.62
N GLU A 167 10.41 -0.71 -25.00
CA GLU A 167 11.43 -1.58 -24.43
C GLU A 167 10.91 -2.29 -23.18
N GLU A 168 11.19 -3.60 -23.05
CA GLU A 168 10.91 -4.34 -21.83
C GLU A 168 11.56 -3.64 -20.63
N GLY A 169 10.84 -3.57 -19.51
CA GLY A 169 11.31 -2.92 -18.30
C GLY A 169 11.26 -1.39 -18.33
N SER A 170 10.63 -0.76 -19.33
CA SER A 170 10.60 0.69 -19.40
C SER A 170 9.30 1.25 -18.81
N GLU A 171 9.31 2.54 -18.45
CA GLU A 171 8.12 3.19 -17.88
C GLU A 171 8.07 4.68 -18.23
N THR A 172 6.86 5.25 -18.06
CA THR A 172 6.55 6.64 -18.37
C THR A 172 5.50 7.15 -17.38
N GLN A 173 5.36 8.48 -17.29
CA GLN A 173 4.36 9.11 -16.44
C GLN A 173 3.21 9.56 -17.32
N VAL A 174 1.97 9.33 -16.89
CA VAL A 174 0.79 9.77 -17.61
C VAL A 174 -0.09 10.58 -16.67
N PRO A 175 -0.75 11.66 -17.18
CA PRO A 175 -1.76 12.38 -16.39
C PRO A 175 -2.87 11.47 -15.88
N GLY A 176 -3.34 11.72 -14.66
CA GLY A 176 -4.55 11.10 -14.16
C GLY A 176 -5.74 11.35 -15.11
N LEU A 177 -6.64 10.35 -15.16
CA LEU A 177 -7.80 10.32 -16.03
C LEU A 177 -8.94 9.65 -15.26
N ASP A 178 -10.12 9.65 -15.87
CA ASP A 178 -11.26 8.87 -15.40
C ASP A 178 -11.04 7.39 -15.69
N ILE A 179 -10.56 6.69 -14.65
CA ILE A 179 -10.20 5.29 -14.75
C ILE A 179 -11.45 4.49 -15.11
N SER A 180 -12.60 4.89 -14.58
CA SER A 180 -13.86 4.16 -14.81
C SER A 180 -14.28 4.26 -16.28
N ALA A 181 -13.68 5.17 -17.07
CA ALA A 181 -13.96 5.21 -18.50
C ALA A 181 -13.17 4.17 -19.30
N LEU A 182 -12.28 3.39 -18.62
CA LEU A 182 -11.59 2.23 -19.20
C LEU A 182 -12.45 0.98 -19.05
N LEU A 183 -13.60 1.13 -18.38
CA LEU A 183 -14.46 0.01 -18.04
C LEU A 183 -15.82 0.22 -18.71
N PRO A 184 -16.67 -0.84 -18.86
CA PRO A 184 -18.05 -0.68 -19.33
C PRO A 184 -18.89 0.26 -18.46
N SER A 185 -19.90 0.90 -19.06
CA SER A 185 -20.82 1.71 -18.27
C SER A 185 -21.86 0.85 -17.54
N ASP A 186 -22.10 -0.38 -17.97
CA ASP A 186 -23.03 -1.31 -17.31
C ASP A 186 -22.31 -2.09 -16.19
N PHE A 187 -22.53 -1.65 -14.95
CA PHE A 187 -21.97 -2.27 -13.77
C PHE A 187 -22.95 -3.24 -13.10
N SER A 188 -24.11 -3.48 -13.73
CA SER A 188 -25.18 -4.24 -13.09
C SER A 188 -25.19 -5.68 -13.59
N ARG A 189 -24.60 -5.92 -14.78
CA ARG A 189 -24.62 -7.22 -15.43
C ARG A 189 -23.20 -7.78 -15.58
N TYR A 190 -22.96 -8.92 -14.89
CA TYR A 190 -21.62 -9.48 -14.72
C TYR A 190 -21.70 -10.95 -14.26
N PHE A 191 -20.63 -11.68 -14.57
CA PHE A 191 -20.39 -12.98 -13.99
C PHE A 191 -19.41 -12.81 -12.81
N GLN A 192 -19.48 -13.73 -11.83
CA GLN A 192 -18.60 -13.71 -10.68
C GLN A 192 -18.31 -15.16 -10.25
N TYR A 193 -17.03 -15.46 -9.99
CA TYR A 193 -16.59 -16.76 -9.51
C TYR A 193 -15.33 -16.57 -8.66
N GLU A 194 -14.88 -17.64 -7.97
CA GLU A 194 -13.65 -17.63 -7.20
C GLU A 194 -12.58 -18.43 -7.95
N GLY A 195 -11.42 -17.81 -8.13
CA GLY A 195 -10.28 -18.38 -8.84
C GLY A 195 -8.96 -17.85 -8.29
N SER A 196 -8.02 -17.57 -9.20
CA SER A 196 -6.61 -17.35 -8.88
C SER A 196 -6.10 -16.16 -9.68
N LEU A 197 -4.89 -15.71 -9.36
CA LEU A 197 -4.14 -14.85 -10.26
C LEU A 197 -3.73 -15.68 -11.49
N THR A 198 -3.68 -15.03 -12.67
CA THR A 198 -3.54 -15.75 -13.93
C THR A 198 -2.07 -15.85 -14.33
N THR A 199 -1.18 -15.40 -13.41
CA THR A 199 0.24 -15.54 -13.59
C THR A 199 0.83 -15.79 -12.21
N PRO A 200 2.08 -16.29 -12.10
CA PRO A 200 2.70 -16.47 -10.78
C PRO A 200 2.55 -15.20 -9.94
N PRO A 201 2.20 -15.29 -8.63
CA PRO A 201 2.10 -16.57 -7.90
C PRO A 201 0.83 -17.45 -7.98
N CYS A 202 -0.14 -17.11 -8.84
CA CYS A 202 -1.33 -17.93 -9.10
C CYS A 202 -2.14 -18.23 -7.84
N ALA A 203 -2.06 -17.32 -6.87
CA ALA A 203 -2.69 -17.47 -5.57
C ALA A 203 -4.20 -17.49 -5.75
N GLN A 204 -4.84 -18.41 -5.00
CA GLN A 204 -6.27 -18.61 -5.03
C GLN A 204 -6.96 -17.66 -4.04
N GLY A 205 -8.30 -17.77 -3.98
CA GLY A 205 -9.12 -16.94 -3.11
C GLY A 205 -9.49 -15.61 -3.77
N VAL A 206 -9.21 -15.48 -5.06
CA VAL A 206 -9.40 -14.23 -5.78
C VAL A 206 -10.84 -14.20 -6.31
N ILE A 207 -11.57 -13.11 -6.02
CA ILE A 207 -12.92 -12.94 -6.54
C ILE A 207 -12.85 -12.19 -7.87
N TRP A 208 -13.23 -12.92 -8.94
CA TRP A 208 -13.30 -12.43 -10.30
C TRP A 208 -14.72 -12.00 -10.62
N THR A 209 -14.83 -10.76 -11.11
CA THR A 209 -16.04 -10.15 -11.67
C THR A 209 -15.74 -9.82 -13.15
N VAL A 210 -16.51 -10.45 -14.06
CA VAL A 210 -16.34 -10.32 -15.49
C VAL A 210 -17.60 -9.67 -16.07
N PHE A 211 -17.46 -8.45 -16.60
CA PHE A 211 -18.59 -7.69 -17.15
C PHE A 211 -19.22 -8.39 -18.36
N GLN A 212 -20.56 -8.29 -18.47
CA GLN A 212 -21.25 -8.75 -19.67
C GLN A 212 -20.97 -7.80 -20.85
N GLN A 213 -21.08 -6.51 -20.59
CA GLN A 213 -20.84 -5.51 -21.63
C GLN A 213 -19.33 -5.36 -21.87
N THR A 214 -18.98 -5.19 -23.16
CA THR A 214 -17.62 -5.02 -23.57
C THR A 214 -17.30 -3.54 -23.73
N VAL A 215 -15.99 -3.24 -23.79
CA VAL A 215 -15.46 -1.90 -24.05
C VAL A 215 -14.97 -1.88 -25.49
N MET A 216 -15.15 -0.74 -26.19
CA MET A 216 -14.87 -0.68 -27.62
C MET A 216 -13.63 0.21 -27.88
N LEU A 217 -12.70 -0.33 -28.67
CA LEU A 217 -11.53 0.41 -29.15
C LEU A 217 -11.58 0.39 -30.68
N SER A 218 -10.92 1.35 -31.34
CA SER A 218 -10.77 1.29 -32.79
C SER A 218 -9.81 0.17 -33.20
N ALA A 219 -9.90 -0.22 -34.48
CA ALA A 219 -8.98 -1.20 -35.06
C ALA A 219 -7.53 -0.75 -34.85
N LYS A 220 -7.29 0.55 -35.00
CA LYS A 220 -5.94 1.09 -34.95
C LYS A 220 -5.42 1.02 -33.52
N GLN A 221 -6.29 1.36 -32.56
CA GLN A 221 -5.99 1.25 -31.14
C GLN A 221 -5.65 -0.19 -30.79
N LEU A 222 -6.42 -1.17 -31.28
CA LEU A 222 -6.13 -2.56 -30.98
C LEU A 222 -4.80 -3.00 -31.59
N HIS A 223 -4.45 -2.46 -32.77
CA HIS A 223 -3.17 -2.76 -33.44
C HIS A 223 -2.01 -2.11 -32.67
N THR A 224 -2.19 -0.88 -32.16
CA THR A 224 -1.18 -0.25 -31.32
C THR A 224 -0.88 -1.13 -30.10
N LEU A 225 -1.93 -1.68 -29.46
CA LEU A 225 -1.77 -2.47 -28.25
C LEU A 225 -0.93 -3.72 -28.53
N SER A 226 -1.27 -4.44 -29.62
CA SER A 226 -0.64 -5.72 -29.92
C SER A 226 0.71 -5.56 -30.65
N ASP A 227 1.00 -4.39 -31.21
CA ASP A 227 2.11 -4.27 -32.14
C ASP A 227 3.21 -3.31 -31.66
N THR A 228 3.10 -2.73 -30.45
CA THR A 228 4.07 -1.72 -30.04
C THR A 228 5.11 -2.22 -29.02
N LEU A 229 4.76 -3.13 -28.10
CA LEU A 229 5.64 -3.43 -27.00
C LEU A 229 6.49 -4.68 -27.28
N TRP A 230 7.65 -4.75 -26.62
CA TRP A 230 8.60 -5.87 -26.70
C TRP A 230 8.79 -6.47 -25.31
N GLY A 231 9.10 -7.77 -25.29
CA GLY A 231 9.14 -8.53 -24.05
C GLY A 231 10.43 -9.31 -23.93
N PRO A 232 10.46 -10.43 -23.17
CA PRO A 232 11.69 -11.19 -22.97
C PRO A 232 12.26 -11.64 -24.33
N GLY A 233 13.59 -11.79 -24.41
CA GLY A 233 14.26 -12.08 -25.68
C GLY A 233 14.26 -10.86 -26.60
N ASP A 234 14.44 -11.10 -27.90
CA ASP A 234 14.28 -10.05 -28.91
C ASP A 234 12.90 -10.22 -29.56
N SER A 235 11.85 -10.36 -28.74
CA SER A 235 10.53 -10.81 -29.18
C SER A 235 9.41 -9.81 -28.81
N ARG A 236 8.34 -9.82 -29.60
CA ARG A 236 7.18 -8.97 -29.42
C ARG A 236 6.35 -9.43 -28.20
N LEU A 237 5.86 -8.46 -27.41
CA LEU A 237 4.94 -8.74 -26.33
C LEU A 237 3.52 -8.88 -26.91
N GLN A 238 3.17 -10.13 -27.20
CA GLN A 238 1.93 -10.50 -27.85
C GLN A 238 1.44 -11.78 -27.17
N LEU A 239 0.14 -12.10 -27.34
CA LEU A 239 -0.45 -13.35 -26.89
C LEU A 239 -0.13 -13.56 -25.39
N ASN A 240 -0.26 -12.49 -24.59
CA ASN A 240 0.12 -12.52 -23.19
C ASN A 240 -1.12 -12.90 -22.36
N PHE A 241 -1.60 -14.14 -22.59
CA PHE A 241 -2.73 -14.73 -21.90
C PHE A 241 -2.43 -16.17 -21.49
N ARG A 242 -3.01 -16.63 -20.37
CA ARG A 242 -2.97 -18.02 -19.97
C ARG A 242 -4.14 -18.81 -20.59
N ALA A 243 -3.87 -20.09 -20.84
CA ALA A 243 -4.87 -21.00 -21.35
C ALA A 243 -6.01 -21.12 -20.34
N THR A 244 -7.20 -21.36 -20.88
CA THR A 244 -8.40 -21.55 -20.09
C THR A 244 -8.18 -22.70 -19.08
N GLN A 245 -8.59 -22.49 -17.81
CA GLN A 245 -8.44 -23.48 -16.76
C GLN A 245 -9.80 -24.13 -16.48
N PRO A 246 -9.87 -25.44 -16.13
CA PRO A 246 -11.16 -26.08 -15.85
C PRO A 246 -11.78 -25.55 -14.57
N LEU A 247 -13.11 -25.42 -14.61
CA LEU A 247 -13.88 -24.99 -13.46
C LEU A 247 -13.75 -25.99 -12.30
N ASN A 248 -13.56 -27.27 -12.62
CA ASN A 248 -13.31 -28.29 -11.59
C ASN A 248 -14.41 -28.24 -10.50
N GLY A 249 -15.67 -28.05 -10.91
CA GLY A 249 -16.81 -28.13 -10.00
C GLY A 249 -17.32 -26.79 -9.46
N ARG A 250 -16.57 -25.70 -9.68
CA ARG A 250 -17.01 -24.37 -9.29
C ARG A 250 -18.20 -23.95 -10.15
N VAL A 251 -19.09 -23.17 -9.55
CA VAL A 251 -20.26 -22.67 -10.24
C VAL A 251 -20.08 -21.15 -10.37
N ILE A 252 -20.06 -20.67 -11.62
CA ILE A 252 -19.98 -19.24 -11.94
C ILE A 252 -21.37 -18.70 -11.70
N GLU A 253 -21.45 -17.59 -10.96
CA GLU A 253 -22.73 -16.91 -10.76
C GLU A 253 -22.88 -15.74 -11.75
N ALA A 254 -24.14 -15.35 -11.98
CA ALA A 254 -24.51 -14.25 -12.87
C ALA A 254 -25.46 -13.33 -12.12
N SER A 255 -25.31 -12.01 -12.32
CA SER A 255 -26.19 -11.03 -11.71
C SER A 255 -27.54 -10.85 -12.42
N PHE A 256 -27.83 -11.69 -13.45
CA PHE A 256 -29.01 -11.57 -14.32
C PHE A 256 -29.45 -12.97 -14.79
N PRO A 257 -30.78 -13.18 -15.02
CA PRO A 257 -31.30 -14.50 -15.37
C PRO A 257 -30.97 -14.87 -16.83
N TRP B 7 -17.88 -7.43 30.18
CA TRP B 7 -19.19 -7.26 29.49
C TRP B 7 -20.16 -8.35 29.97
N ARG B 8 -21.47 -8.10 29.81
CA ARG B 8 -22.51 -9.03 30.24
C ARG B 8 -23.78 -8.79 29.42
N TYR B 9 -24.71 -9.77 29.42
CA TYR B 9 -26.07 -9.58 28.91
C TYR B 9 -26.93 -8.97 30.03
N GLY B 10 -27.84 -8.06 29.67
CA GLY B 10 -28.71 -7.41 30.64
C GLY B 10 -28.38 -5.93 30.83
N GLY B 11 -28.01 -5.54 32.06
CA GLY B 11 -27.65 -4.16 32.36
C GLY B 11 -26.34 -3.73 31.72
N ASP B 12 -25.77 -2.63 32.23
CA ASP B 12 -24.60 -1.97 31.65
C ASP B 12 -23.37 -2.90 31.78
N PRO B 13 -22.21 -2.66 31.10
CA PRO B 13 -22.02 -1.55 30.15
C PRO B 13 -22.70 -1.75 28.80
N PRO B 14 -23.18 -0.67 28.10
CA PRO B 14 -23.53 -0.77 26.68
C PRO B 14 -22.32 -1.31 25.89
N TRP B 15 -22.56 -2.23 24.95
CA TRP B 15 -21.49 -2.99 24.32
C TRP B 15 -20.59 -2.10 23.45
N PRO B 16 -21.13 -1.12 22.66
CA PRO B 16 -20.28 -0.15 21.98
C PRO B 16 -19.21 0.60 22.80
N ARG B 17 -19.32 0.57 24.14
CA ARG B 17 -18.35 1.21 25.02
C ARG B 17 -17.15 0.28 25.30
N VAL B 18 -17.41 -1.01 25.54
CA VAL B 18 -16.36 -2.01 25.70
C VAL B 18 -15.72 -2.33 24.34
N SER B 19 -16.58 -2.58 23.31
CA SER B 19 -16.16 -2.89 21.95
C SER B 19 -16.83 -1.97 20.93
N PRO B 20 -16.15 -0.93 20.40
CA PRO B 20 -16.79 -0.01 19.45
C PRO B 20 -17.23 -0.71 18.16
N ALA B 21 -16.60 -1.86 17.85
CA ALA B 21 -16.99 -2.67 16.70
C ALA B 21 -18.44 -3.17 16.81
N CYS B 22 -18.99 -3.20 18.04
CA CYS B 22 -20.38 -3.61 18.27
C CYS B 22 -21.37 -2.61 17.67
N ALA B 23 -20.89 -1.42 17.27
CA ALA B 23 -21.71 -0.45 16.56
C ALA B 23 -21.38 -0.40 15.06
N GLY B 24 -20.73 -1.44 14.52
CA GLY B 24 -20.53 -1.54 13.07
C GLY B 24 -21.85 -1.71 12.32
N ARG B 25 -21.79 -1.60 10.98
CA ARG B 25 -22.98 -1.60 10.14
C ARG B 25 -23.44 -3.01 9.78
N PHE B 26 -22.56 -4.01 9.95
CA PHE B 26 -22.79 -5.36 9.45
C PHE B 26 -22.67 -6.41 10.57
N GLN B 27 -23.63 -6.34 11.51
CA GLN B 27 -23.65 -7.15 12.72
C GLN B 27 -24.65 -8.31 12.65
N SER B 28 -24.49 -9.21 13.63
CA SER B 28 -25.32 -10.37 13.84
C SER B 28 -25.83 -10.34 15.29
N PRO B 29 -26.96 -11.00 15.60
CA PRO B 29 -27.81 -11.69 14.62
C PRO B 29 -28.84 -10.83 13.88
N VAL B 30 -29.59 -11.47 12.96
CA VAL B 30 -30.54 -10.80 12.09
C VAL B 30 -31.84 -11.60 12.06
N ASP B 31 -32.91 -10.93 11.59
CA ASP B 31 -34.20 -11.54 11.32
C ASP B 31 -34.15 -12.08 9.91
N ILE B 32 -34.44 -13.39 9.75
CA ILE B 32 -34.45 -14.02 8.44
C ILE B 32 -35.89 -13.97 7.89
N ARG B 33 -36.05 -13.36 6.72
CA ARG B 33 -37.33 -13.24 6.02
C ARG B 33 -37.22 -14.08 4.75
N PRO B 34 -37.59 -15.37 4.77
CA PRO B 34 -37.33 -16.25 3.61
C PRO B 34 -37.82 -15.71 2.27
N GLN B 35 -38.90 -14.91 2.26
CA GLN B 35 -39.43 -14.41 0.99
C GLN B 35 -38.50 -13.37 0.37
N LEU B 36 -37.63 -12.73 1.18
CA LEU B 36 -36.67 -11.76 0.69
C LEU B 36 -35.26 -12.32 0.52
N ALA B 37 -35.05 -13.60 0.85
CA ALA B 37 -33.78 -14.27 0.63
C ALA B 37 -33.52 -14.46 -0.87
N ALA B 38 -32.25 -14.38 -1.28
CA ALA B 38 -31.86 -14.63 -2.67
C ALA B 38 -31.43 -16.09 -2.87
N PHE B 39 -32.20 -16.85 -3.66
CA PHE B 39 -31.84 -18.20 -4.04
C PHE B 39 -30.60 -18.14 -4.93
N SER B 40 -29.51 -18.80 -4.54
CA SER B 40 -28.44 -19.07 -5.48
C SER B 40 -28.16 -20.56 -5.52
N PRO B 41 -28.39 -21.19 -6.70
CA PRO B 41 -28.00 -22.57 -6.94
C PRO B 41 -26.51 -22.87 -6.76
N ALA B 42 -25.67 -21.84 -6.61
CA ALA B 42 -24.24 -22.08 -6.45
C ALA B 42 -23.94 -22.58 -5.03
N LEU B 43 -24.88 -22.37 -4.08
CA LEU B 43 -24.73 -22.85 -2.72
C LEU B 43 -24.96 -24.36 -2.67
N ARG B 44 -23.87 -25.13 -2.53
CA ARG B 44 -23.92 -26.59 -2.55
C ARG B 44 -24.12 -27.10 -1.12
N PRO B 45 -24.41 -28.41 -0.95
CA PRO B 45 -24.55 -28.99 0.39
C PRO B 45 -23.28 -28.80 1.24
N LEU B 46 -23.43 -28.53 2.53
CA LEU B 46 -22.27 -28.38 3.41
C LEU B 46 -21.56 -29.72 3.55
N GLU B 47 -20.22 -29.68 3.63
CA GLU B 47 -19.41 -30.87 3.82
C GLU B 47 -18.77 -30.80 5.21
N LEU B 48 -19.15 -31.76 6.08
CA LEU B 48 -18.62 -31.87 7.42
C LEU B 48 -17.99 -33.25 7.61
N LEU B 49 -16.64 -33.31 7.63
CA LEU B 49 -15.88 -34.56 7.76
C LEU B 49 -15.02 -34.51 9.01
N GLY B 50 -14.87 -35.69 9.66
CA GLY B 50 -14.10 -35.84 10.89
C GLY B 50 -14.88 -35.50 12.16
N PHE B 51 -16.20 -35.32 12.07
CA PHE B 51 -17.03 -34.93 13.20
C PHE B 51 -17.46 -36.12 14.10
N GLN B 52 -17.25 -37.38 13.68
CA GLN B 52 -17.73 -38.52 14.45
C GLN B 52 -16.67 -38.95 15.46
N LEU B 53 -16.64 -38.35 16.66
CA LEU B 53 -15.50 -38.48 17.56
C LEU B 53 -15.61 -39.80 18.34
N PRO B 54 -14.45 -40.46 18.63
CA PRO B 54 -14.45 -41.66 19.46
C PRO B 54 -14.66 -41.22 20.92
N PRO B 55 -15.08 -42.14 21.82
CA PRO B 55 -15.27 -41.80 23.24
C PRO B 55 -14.06 -41.21 23.95
N LEU B 56 -12.84 -41.59 23.50
CA LEU B 56 -11.60 -41.03 24.02
C LEU B 56 -10.78 -40.45 22.87
N PRO B 57 -10.06 -39.31 23.04
CA PRO B 57 -10.03 -38.52 24.29
C PRO B 57 -11.30 -37.75 24.62
N GLU B 58 -11.36 -37.26 25.85
CA GLU B 58 -12.48 -36.49 26.35
C GLU B 58 -12.34 -35.02 25.92
N LEU B 59 -13.46 -34.30 26.06
CA LEU B 59 -13.61 -32.94 25.54
C LEU B 59 -13.88 -32.00 26.72
N ARG B 60 -13.22 -30.84 26.74
CA ARG B 60 -13.49 -29.86 27.78
C ARG B 60 -14.86 -29.23 27.54
N LEU B 61 -15.72 -29.23 28.57
CA LEU B 61 -17.00 -28.50 28.59
C LEU B 61 -16.94 -27.48 29.73
N ARG B 62 -17.25 -26.22 29.42
CA ARG B 62 -16.99 -25.13 30.36
C ARG B 62 -18.16 -24.14 30.41
N ASN B 63 -18.51 -23.73 31.64
CA ASN B 63 -19.37 -22.58 31.88
C ASN B 63 -18.47 -21.36 31.97
N ASN B 64 -18.56 -20.44 30.99
CA ASN B 64 -17.69 -19.27 30.93
C ASN B 64 -18.43 -18.00 31.43
N GLY B 65 -19.62 -18.15 32.02
CA GLY B 65 -20.41 -17.00 32.45
C GLY B 65 -21.43 -16.48 31.42
N HIS B 66 -21.21 -16.77 30.12
CA HIS B 66 -21.99 -16.24 28.99
C HIS B 66 -22.68 -17.36 28.20
N SER B 67 -22.09 -18.56 28.20
CA SER B 67 -22.64 -19.74 27.55
C SER B 67 -22.00 -21.01 28.16
N VAL B 68 -22.44 -22.19 27.71
CA VAL B 68 -21.71 -23.43 27.94
C VAL B 68 -20.97 -23.73 26.65
N GLN B 69 -19.64 -23.98 26.77
CA GLN B 69 -18.76 -24.15 25.62
C GLN B 69 -18.00 -25.49 25.64
N LEU B 70 -18.10 -26.18 24.49
CA LEU B 70 -17.41 -27.42 24.22
C LEU B 70 -16.26 -27.19 23.25
N THR B 71 -15.04 -27.45 23.72
CA THR B 71 -13.82 -27.38 22.94
C THR B 71 -13.75 -28.59 22.02
N LEU B 72 -13.40 -28.35 20.75
CA LEU B 72 -13.38 -29.40 19.74
C LEU B 72 -11.92 -29.70 19.40
N PRO B 73 -11.53 -30.96 19.20
CA PRO B 73 -10.15 -31.28 18.84
C PRO B 73 -9.86 -30.93 17.38
N PRO B 74 -8.57 -31.02 16.97
CA PRO B 74 -8.22 -30.94 15.56
C PRO B 74 -8.93 -32.02 14.75
N GLY B 75 -9.10 -31.75 13.44
CA GLY B 75 -9.51 -32.77 12.49
C GLY B 75 -10.96 -32.64 12.05
N LEU B 76 -11.72 -31.68 12.57
CA LEU B 76 -13.09 -31.52 12.12
C LEU B 76 -13.09 -30.53 10.96
N GLU B 77 -13.12 -31.06 9.73
CA GLU B 77 -13.05 -30.27 8.52
C GLU B 77 -14.46 -29.99 7.99
N MET B 78 -14.64 -28.75 7.50
CA MET B 78 -15.92 -28.26 7.00
C MET B 78 -15.67 -27.38 5.76
N ALA B 79 -16.53 -27.49 4.73
CA ALA B 79 -16.40 -26.67 3.54
C ALA B 79 -17.76 -26.03 3.21
N LEU B 80 -17.72 -24.72 2.88
CA LEU B 80 -18.87 -23.94 2.42
C LEU B 80 -18.96 -23.97 0.89
N GLY B 81 -17.86 -24.34 0.24
CA GLY B 81 -17.83 -24.50 -1.20
C GLY B 81 -16.47 -25.00 -1.66
N PRO B 82 -16.25 -25.15 -3.00
CA PRO B 82 -15.00 -25.70 -3.52
C PRO B 82 -13.80 -24.86 -3.07
N GLY B 83 -12.85 -25.51 -2.36
CA GLY B 83 -11.68 -24.84 -1.80
C GLY B 83 -11.97 -23.84 -0.65
N ARG B 84 -13.20 -23.80 -0.11
CA ARG B 84 -13.53 -22.88 0.96
C ARG B 84 -13.70 -23.66 2.25
N GLU B 85 -12.55 -23.97 2.88
CA GLU B 85 -12.47 -24.97 3.95
C GLU B 85 -12.13 -24.31 5.28
N TYR B 86 -12.53 -25.01 6.35
CA TYR B 86 -12.67 -24.55 7.72
C TYR B 86 -12.35 -25.70 8.68
N ARG B 87 -11.92 -25.36 9.91
CA ARG B 87 -11.72 -26.33 10.98
C ARG B 87 -12.53 -25.86 12.18
N ALA B 88 -13.32 -26.75 12.78
CA ALA B 88 -14.11 -26.44 13.98
C ALA B 88 -13.21 -26.29 15.21
N LEU B 89 -13.47 -25.21 15.97
CA LEU B 89 -12.74 -24.86 17.18
C LEU B 89 -13.55 -25.24 18.44
N GLN B 90 -14.85 -24.89 18.44
CA GLN B 90 -15.71 -24.91 19.61
C GLN B 90 -17.18 -24.85 19.18
N LEU B 91 -18.09 -25.29 20.07
CA LEU B 91 -19.50 -25.00 19.95
C LEU B 91 -20.02 -24.51 21.30
N HIS B 92 -21.12 -23.76 21.25
CA HIS B 92 -21.76 -23.23 22.43
C HIS B 92 -23.24 -22.95 22.09
N LEU B 93 -24.02 -22.51 23.09
CA LEU B 93 -25.47 -22.42 22.95
C LEU B 93 -25.96 -21.06 23.47
N HIS B 94 -27.14 -20.66 22.97
CA HIS B 94 -27.86 -19.47 23.41
C HIS B 94 -29.28 -19.94 23.71
N TRP B 95 -29.85 -19.47 24.81
CA TRP B 95 -31.12 -20.02 25.30
C TRP B 95 -31.88 -18.96 26.09
N GLY B 96 -33.11 -19.30 26.50
CA GLY B 96 -34.02 -18.34 27.10
C GLY B 96 -34.11 -18.49 28.61
N ALA B 97 -35.36 -18.47 29.11
CA ALA B 97 -35.70 -18.81 30.48
C ALA B 97 -37.01 -19.60 30.43
N ALA B 98 -37.64 -19.82 31.60
CA ALA B 98 -38.83 -20.65 31.66
C ALA B 98 -39.91 -20.06 30.73
N GLY B 99 -40.28 -20.84 29.69
CA GLY B 99 -41.24 -20.44 28.67
C GLY B 99 -40.98 -19.04 28.10
N ARG B 100 -39.71 -18.71 27.86
CA ARG B 100 -39.36 -17.52 27.10
C ARG B 100 -38.22 -17.94 26.18
N PRO B 101 -38.36 -17.86 24.83
CA PRO B 101 -37.34 -18.37 23.90
C PRO B 101 -36.07 -17.51 23.92
N GLY B 102 -34.95 -18.09 23.53
CA GLY B 102 -33.70 -17.34 23.52
C GLY B 102 -32.76 -17.63 22.35
N SER B 103 -33.30 -17.97 21.18
CA SER B 103 -32.49 -18.02 19.97
C SER B 103 -31.98 -16.61 19.64
N GLU B 104 -30.88 -16.55 18.87
CA GLU B 104 -30.28 -15.28 18.47
C GLU B 104 -30.87 -14.81 17.14
N HIS B 105 -30.79 -15.66 16.09
CA HIS B 105 -31.50 -15.40 14.84
C HIS B 105 -32.99 -15.65 15.09
N THR B 106 -33.82 -14.90 14.34
CA THR B 106 -35.26 -15.05 14.31
C THR B 106 -35.67 -15.39 12.86
N VAL B 107 -36.85 -15.97 12.68
CA VAL B 107 -37.40 -16.16 11.35
C VAL B 107 -38.75 -15.46 11.31
N GLU B 108 -38.82 -14.39 10.49
CA GLU B 108 -40.01 -13.55 10.40
C GLU B 108 -40.51 -13.17 11.79
N GLY B 109 -39.60 -12.80 12.71
CA GLY B 109 -39.98 -12.27 14.02
C GLY B 109 -40.09 -13.38 15.06
N HIS B 110 -40.15 -14.66 14.64
CA HIS B 110 -40.29 -15.77 15.58
C HIS B 110 -38.94 -16.11 16.23
N ARG B 111 -38.92 -16.09 17.56
CA ARG B 111 -37.75 -16.52 18.32
C ARG B 111 -37.91 -17.99 18.74
N PHE B 112 -36.91 -18.82 18.45
CA PHE B 112 -36.98 -20.23 18.79
C PHE B 112 -36.44 -20.45 20.21
N PRO B 113 -36.77 -21.59 20.88
CA PRO B 113 -36.29 -21.82 22.25
C PRO B 113 -34.80 -21.55 22.48
N ALA B 114 -33.94 -22.04 21.56
CA ALA B 114 -32.50 -21.95 21.73
C ALA B 114 -31.80 -22.08 20.38
N GLU B 115 -30.46 -21.93 20.39
CA GLU B 115 -29.64 -21.90 19.18
C GLU B 115 -28.25 -22.47 19.51
N ILE B 116 -27.73 -23.36 18.63
CA ILE B 116 -26.37 -23.85 18.72
C ILE B 116 -25.49 -23.17 17.65
N HIS B 117 -24.25 -22.86 18.06
CA HIS B 117 -23.25 -22.24 17.20
C HIS B 117 -22.01 -23.11 17.21
N VAL B 118 -21.61 -23.55 16.01
CA VAL B 118 -20.34 -24.22 15.83
C VAL B 118 -19.41 -23.26 15.09
N VAL B 119 -18.37 -22.79 15.80
CA VAL B 119 -17.44 -21.78 15.32
C VAL B 119 -16.21 -22.44 14.67
N HIS B 120 -15.82 -21.89 13.51
CA HIS B 120 -14.78 -22.48 12.70
C HIS B 120 -13.76 -21.41 12.28
N LEU B 121 -12.53 -21.86 11.98
CA LEU B 121 -11.47 -21.02 11.45
C LEU B 121 -11.11 -21.44 10.03
N SER B 122 -11.06 -20.49 9.11
CA SER B 122 -10.55 -20.69 7.76
C SER B 122 -9.15 -21.34 7.81
N THR B 123 -8.91 -22.30 6.91
CA THR B 123 -7.63 -23.00 6.83
C THR B 123 -6.61 -22.09 6.15
N ALA B 124 -7.06 -20.93 5.67
CA ALA B 124 -6.17 -19.96 5.04
C ALA B 124 -5.46 -19.11 6.09
N PHE B 125 -5.88 -19.20 7.36
CA PHE B 125 -5.35 -18.44 8.48
C PHE B 125 -4.85 -19.43 9.54
N ALA B 126 -3.58 -19.28 9.99
CA ALA B 126 -3.01 -20.18 11.00
C ALA B 126 -3.52 -19.84 12.40
N ARG B 127 -3.95 -18.59 12.63
CA ARG B 127 -4.40 -18.17 13.96
C ARG B 127 -5.77 -17.49 13.91
N VAL B 128 -6.54 -17.65 14.98
CA VAL B 128 -7.83 -16.99 15.13
C VAL B 128 -7.68 -15.47 15.08
N ASP B 129 -6.61 -14.93 15.68
CA ASP B 129 -6.47 -13.49 15.81
C ASP B 129 -6.12 -12.82 14.47
N GLU B 130 -5.58 -13.59 13.51
CA GLU B 130 -5.37 -13.12 12.14
C GLU B 130 -6.69 -13.09 11.38
N ALA B 131 -7.62 -13.98 11.76
CA ALA B 131 -8.88 -14.16 11.05
C ALA B 131 -9.94 -13.14 11.48
N LEU B 132 -9.83 -12.59 12.71
CA LEU B 132 -10.81 -11.68 13.27
C LEU B 132 -10.87 -10.41 12.42
N GLY B 133 -12.07 -10.07 11.93
CA GLY B 133 -12.25 -8.85 11.14
C GLY B 133 -11.91 -9.05 9.66
N ARG B 134 -11.40 -10.22 9.25
CA ARG B 134 -11.09 -10.47 7.85
C ARG B 134 -12.25 -11.26 7.23
N PRO B 135 -12.64 -10.96 5.96
CA PRO B 135 -13.80 -11.63 5.35
C PRO B 135 -13.65 -13.15 5.20
N GLY B 136 -14.62 -13.87 5.78
CA GLY B 136 -14.62 -15.32 5.79
C GLY B 136 -13.52 -15.97 6.66
N GLY B 137 -12.78 -15.19 7.47
CA GLY B 137 -11.79 -15.74 8.37
C GLY B 137 -12.43 -16.74 9.34
N LEU B 138 -13.59 -16.35 9.91
CA LEU B 138 -14.42 -17.16 10.78
C LEU B 138 -15.75 -17.50 10.09
N ALA B 139 -16.21 -18.74 10.29
CA ALA B 139 -17.52 -19.17 9.86
C ALA B 139 -18.20 -19.90 11.03
N VAL B 140 -19.50 -19.61 11.22
CA VAL B 140 -20.33 -20.25 12.24
C VAL B 140 -21.49 -20.98 11.56
N LEU B 141 -21.70 -22.27 11.93
CA LEU B 141 -22.91 -22.99 11.58
C LEU B 141 -23.89 -22.81 12.73
N ALA B 142 -25.10 -22.33 12.41
CA ALA B 142 -26.15 -22.07 13.39
C ALA B 142 -27.36 -22.97 13.11
N ALA B 143 -27.95 -23.54 14.17
CA ALA B 143 -29.17 -24.35 14.10
C ALA B 143 -30.11 -23.94 15.23
N PHE B 144 -31.42 -23.95 14.93
CA PHE B 144 -32.44 -23.65 15.93
C PHE B 144 -32.83 -24.92 16.66
N LEU B 145 -33.00 -24.80 17.99
CA LEU B 145 -33.47 -25.89 18.82
C LEU B 145 -34.94 -25.61 19.17
N GLU B 146 -35.84 -26.54 18.82
CA GLU B 146 -37.25 -26.45 19.17
C GLU B 146 -37.67 -27.55 20.16
N GLU B 147 -38.88 -27.37 20.71
CA GLU B 147 -39.52 -28.42 21.49
C GLU B 147 -40.13 -29.49 20.60
N GLY B 148 -39.85 -30.74 20.96
CA GLY B 148 -40.43 -31.91 20.34
C GLY B 148 -40.82 -32.92 21.40
N PRO B 149 -41.53 -34.00 21.04
CA PRO B 149 -41.97 -34.97 22.05
C PRO B 149 -40.86 -35.86 22.60
N GLU B 150 -39.81 -36.17 21.82
CA GLU B 150 -38.81 -37.16 22.21
C GLU B 150 -37.63 -36.50 22.93
N GLU B 151 -36.99 -37.28 23.81
CA GLU B 151 -35.73 -36.92 24.43
C GLU B 151 -34.65 -37.03 23.34
N ASN B 152 -33.84 -35.98 23.17
CA ASN B 152 -32.82 -35.94 22.12
C ASN B 152 -31.52 -36.55 22.64
N SER B 153 -30.99 -37.56 21.93
CA SER B 153 -29.88 -38.36 22.45
C SER B 153 -28.56 -37.58 22.45
N ALA B 154 -28.29 -36.91 21.33
CA ALA B 154 -27.06 -36.15 21.16
C ALA B 154 -26.98 -35.03 22.20
N TYR B 155 -28.11 -34.34 22.45
CA TYR B 155 -28.08 -33.21 23.36
C TYR B 155 -28.02 -33.69 24.82
N GLU B 156 -28.53 -34.89 25.10
CA GLU B 156 -28.50 -35.42 26.47
C GLU B 156 -27.07 -35.58 26.96
N GLN B 157 -26.14 -36.00 26.09
CA GLN B 157 -24.73 -36.12 26.46
C GLN B 157 -24.17 -34.81 27.02
N LEU B 158 -24.67 -33.67 26.54
CA LEU B 158 -24.19 -32.38 27.01
C LEU B 158 -25.02 -31.88 28.20
N LEU B 159 -26.35 -32.05 28.14
CA LEU B 159 -27.28 -31.46 29.09
C LEU B 159 -27.19 -32.12 30.47
N SER B 160 -27.00 -33.46 30.48
CA SER B 160 -26.81 -34.22 31.71
C SER B 160 -25.53 -33.85 32.47
N ARG B 161 -24.65 -32.99 31.92
CA ARG B 161 -23.38 -32.67 32.56
C ARG B 161 -23.33 -31.23 33.07
N LEU B 162 -24.43 -30.50 32.89
CA LEU B 162 -24.47 -29.08 33.24
C LEU B 162 -24.46 -28.91 34.76
N GLU B 163 -25.07 -29.85 35.49
CA GLU B 163 -25.07 -29.76 36.95
C GLU B 163 -23.64 -29.76 37.47
N GLU B 164 -22.75 -30.53 36.81
CA GLU B 164 -21.35 -30.54 37.18
C GLU B 164 -20.67 -29.18 37.05
N ILE B 165 -21.24 -28.23 36.28
CA ILE B 165 -20.56 -26.98 35.94
C ILE B 165 -21.50 -25.80 36.14
N ALA B 166 -22.36 -25.89 37.16
CA ALA B 166 -23.37 -24.87 37.40
C ALA B 166 -22.72 -23.54 37.73
N GLU B 167 -21.54 -23.60 38.34
CA GLU B 167 -20.86 -22.40 38.83
C GLU B 167 -20.08 -21.71 37.71
N GLU B 168 -20.28 -20.39 37.56
CA GLU B 168 -19.47 -19.59 36.65
C GLU B 168 -18.00 -20.02 36.76
N GLY B 169 -17.37 -20.26 35.60
CA GLY B 169 -15.94 -20.51 35.52
C GLY B 169 -15.57 -21.98 35.72
N SER B 170 -16.54 -22.81 36.15
CA SER B 170 -16.25 -24.21 36.40
C SER B 170 -16.25 -24.95 35.06
N GLU B 171 -15.65 -26.13 35.05
CA GLU B 171 -15.52 -26.91 33.84
C GLU B 171 -15.48 -28.40 34.19
N THR B 172 -15.55 -29.23 33.16
CA THR B 172 -15.58 -30.67 33.31
C THR B 172 -14.98 -31.24 32.03
N GLN B 173 -14.97 -32.57 31.92
CA GLN B 173 -14.43 -33.27 30.78
C GLN B 173 -15.47 -34.33 30.42
N VAL B 174 -15.91 -34.39 29.15
CA VAL B 174 -16.99 -35.28 28.75
C VAL B 174 -16.50 -36.23 27.66
N PRO B 175 -17.11 -37.44 27.50
CA PRO B 175 -16.68 -38.35 26.44
C PRO B 175 -16.86 -37.71 25.07
N GLY B 176 -16.09 -38.19 24.09
CA GLY B 176 -16.30 -37.83 22.70
C GLY B 176 -17.70 -38.24 22.22
N LEU B 177 -18.28 -37.41 21.35
CA LEU B 177 -19.58 -37.65 20.74
C LEU B 177 -19.51 -37.29 19.25
N ASP B 178 -20.51 -37.76 18.50
CA ASP B 178 -20.71 -37.36 17.12
C ASP B 178 -21.23 -35.92 17.12
N ILE B 179 -20.39 -34.95 16.76
CA ILE B 179 -20.78 -33.55 16.86
C ILE B 179 -21.87 -33.23 15.83
N SER B 180 -21.81 -33.94 14.70
CA SER B 180 -22.72 -33.72 13.57
C SER B 180 -24.15 -34.17 13.89
N ALA B 181 -24.32 -35.00 14.94
CA ALA B 181 -25.64 -35.46 15.38
C ALA B 181 -26.43 -34.32 16.03
N LEU B 182 -25.74 -33.27 16.48
CA LEU B 182 -26.33 -32.09 17.09
C LEU B 182 -27.00 -31.18 16.03
N LEU B 183 -26.89 -31.54 14.74
CA LEU B 183 -27.24 -30.67 13.63
C LEU B 183 -28.38 -31.29 12.82
N PRO B 184 -29.19 -30.45 12.09
CA PRO B 184 -30.37 -30.93 11.35
C PRO B 184 -30.04 -31.95 10.27
N SER B 185 -31.09 -32.53 9.66
CA SER B 185 -30.94 -33.63 8.71
C SER B 185 -30.36 -33.17 7.39
N ASP B 186 -30.84 -32.05 6.84
CA ASP B 186 -30.58 -31.71 5.45
C ASP B 186 -29.51 -30.61 5.38
N PHE B 187 -28.27 -31.03 5.07
CA PHE B 187 -27.12 -30.15 4.91
C PHE B 187 -27.15 -29.34 3.60
N SER B 188 -28.20 -29.49 2.79
CA SER B 188 -28.34 -28.81 1.48
C SER B 188 -29.27 -27.61 1.57
N ARG B 189 -29.87 -27.37 2.74
CA ARG B 189 -30.90 -26.38 2.94
C ARG B 189 -30.50 -25.45 4.10
N TYR B 190 -30.11 -24.23 3.74
CA TYR B 190 -29.61 -23.25 4.68
C TYR B 190 -29.77 -21.86 4.07
N PHE B 191 -29.73 -20.87 4.98
CA PHE B 191 -29.54 -19.45 4.71
C PHE B 191 -28.09 -19.08 5.00
N GLN B 192 -27.54 -18.08 4.29
CA GLN B 192 -26.15 -17.69 4.47
C GLN B 192 -26.02 -16.18 4.30
N TYR B 193 -25.27 -15.51 5.20
CA TYR B 193 -24.98 -14.09 5.05
C TYR B 193 -23.66 -13.80 5.77
N GLU B 194 -23.15 -12.59 5.55
CA GLU B 194 -21.99 -12.11 6.27
C GLU B 194 -22.39 -11.10 7.36
N GLY B 195 -21.79 -11.29 8.54
CA GLY B 195 -22.08 -10.51 9.72
C GLY B 195 -20.91 -10.54 10.70
N SER B 196 -21.26 -10.67 12.00
CA SER B 196 -20.35 -10.41 13.09
C SER B 196 -20.50 -11.50 14.15
N LEU B 197 -19.54 -11.53 15.08
CA LEU B 197 -19.71 -12.22 16.35
C LEU B 197 -20.83 -11.51 17.13
N THR B 198 -21.64 -12.29 17.87
CA THR B 198 -22.82 -11.75 18.53
C THR B 198 -22.53 -11.30 19.96
N THR B 199 -21.27 -11.38 20.39
CA THR B 199 -20.80 -10.80 21.63
C THR B 199 -19.58 -9.94 21.33
N PRO B 200 -19.14 -9.04 22.24
CA PRO B 200 -17.81 -8.44 22.13
C PRO B 200 -16.79 -9.53 21.86
N PRO B 201 -15.80 -9.33 20.95
CA PRO B 201 -15.56 -8.04 20.28
C PRO B 201 -16.35 -7.61 19.03
N CYS B 202 -17.42 -8.35 18.67
CA CYS B 202 -18.35 -7.98 17.60
C CYS B 202 -17.62 -7.83 16.26
N ALA B 203 -16.55 -8.65 16.07
CA ALA B 203 -15.76 -8.60 14.85
C ALA B 203 -16.65 -8.95 13.65
N GLN B 204 -16.48 -8.20 12.55
CA GLN B 204 -17.17 -8.40 11.27
C GLN B 204 -16.39 -9.38 10.38
N GLY B 205 -16.96 -9.68 9.19
CA GLY B 205 -16.38 -10.67 8.29
C GLY B 205 -16.72 -12.13 8.62
N VAL B 206 -17.62 -12.39 9.59
CA VAL B 206 -18.04 -13.74 9.92
C VAL B 206 -19.10 -14.22 8.92
N ILE B 207 -18.88 -15.39 8.29
CA ILE B 207 -19.90 -16.03 7.46
C ILE B 207 -20.82 -16.88 8.33
N TRP B 208 -22.08 -16.43 8.43
CA TRP B 208 -23.16 -17.15 9.08
C TRP B 208 -23.88 -18.05 8.10
N THR B 209 -23.97 -19.34 8.47
CA THR B 209 -24.78 -20.33 7.79
C THR B 209 -25.82 -20.87 8.77
N VAL B 210 -27.13 -20.62 8.47
CA VAL B 210 -28.22 -20.96 9.36
C VAL B 210 -29.06 -22.04 8.67
N PHE B 211 -29.06 -23.24 9.25
CA PHE B 211 -29.83 -24.33 8.72
C PHE B 211 -31.28 -23.90 8.63
N GLN B 212 -31.92 -24.39 7.56
CA GLN B 212 -33.37 -24.21 7.39
C GLN B 212 -34.18 -25.06 8.39
N GLN B 213 -33.85 -26.35 8.54
CA GLN B 213 -34.55 -27.25 9.44
C GLN B 213 -34.04 -27.12 10.87
N THR B 214 -34.90 -27.45 11.82
CA THR B 214 -34.54 -27.36 13.23
C THR B 214 -34.16 -28.74 13.77
N VAL B 215 -33.65 -28.71 15.01
CA VAL B 215 -33.51 -29.91 15.81
C VAL B 215 -34.42 -29.76 17.02
N MET B 216 -34.89 -30.91 17.51
CA MET B 216 -35.90 -30.98 18.55
C MET B 216 -35.32 -31.60 19.83
N LEU B 217 -35.61 -30.93 20.94
CA LEU B 217 -35.32 -31.36 22.29
C LEU B 217 -36.63 -31.44 23.07
N SER B 218 -36.71 -32.30 24.09
CA SER B 218 -37.87 -32.36 24.97
C SER B 218 -37.96 -31.10 25.84
N ALA B 219 -39.17 -30.85 26.35
CA ALA B 219 -39.46 -29.74 27.26
C ALA B 219 -38.51 -29.76 28.46
N LYS B 220 -38.21 -30.97 28.96
CA LYS B 220 -37.35 -31.14 30.13
C LYS B 220 -35.89 -30.82 29.80
N GLN B 221 -35.44 -31.23 28.60
CA GLN B 221 -34.11 -30.91 28.08
C GLN B 221 -33.92 -29.39 27.99
N LEU B 222 -34.88 -28.68 27.38
CA LEU B 222 -34.83 -27.23 27.28
C LEU B 222 -34.90 -26.58 28.66
N HIS B 223 -35.66 -27.19 29.60
CA HIS B 223 -35.67 -26.69 30.97
C HIS B 223 -34.29 -26.89 31.62
N THR B 224 -33.68 -28.06 31.41
CA THR B 224 -32.36 -28.34 31.96
C THR B 224 -31.35 -27.28 31.50
N LEU B 225 -31.40 -26.92 30.19
CA LEU B 225 -30.48 -25.96 29.59
C LEU B 225 -30.58 -24.57 30.22
N SER B 226 -31.81 -24.07 30.40
CA SER B 226 -32.05 -22.70 30.87
C SER B 226 -31.91 -22.57 32.40
N ASP B 227 -32.11 -23.65 33.14
CA ASP B 227 -32.34 -23.52 34.58
C ASP B 227 -31.15 -24.01 35.39
N THR B 228 -30.16 -24.66 34.77
CA THR B 228 -29.08 -25.29 35.53
C THR B 228 -27.89 -24.36 35.78
N LEU B 229 -27.54 -23.45 34.85
CA LEU B 229 -26.27 -22.72 34.93
C LEU B 229 -26.45 -21.32 35.54
N TRP B 230 -25.37 -20.89 36.24
CA TRP B 230 -25.25 -19.59 36.89
C TRP B 230 -24.18 -18.74 36.19
N GLY B 231 -24.45 -17.43 36.09
CA GLY B 231 -23.62 -16.46 35.41
C GLY B 231 -22.99 -15.47 36.39
N PRO B 232 -22.59 -14.26 35.92
CA PRO B 232 -21.91 -13.28 36.78
C PRO B 232 -22.85 -12.70 37.85
N GLY B 233 -22.27 -12.35 39.02
CA GLY B 233 -23.05 -12.00 40.19
C GLY B 233 -23.60 -13.25 40.89
N ASP B 234 -24.74 -13.10 41.59
CA ASP B 234 -25.49 -14.24 42.10
C ASP B 234 -26.69 -14.43 41.17
N SER B 235 -26.40 -14.66 39.88
CA SER B 235 -27.34 -14.44 38.79
C SER B 235 -27.40 -15.63 37.85
N ARG B 236 -28.59 -15.96 37.33
CA ARG B 236 -28.77 -17.12 36.47
C ARG B 236 -28.22 -16.87 35.07
N LEU B 237 -27.66 -17.91 34.44
CA LEU B 237 -27.20 -17.82 33.06
C LEU B 237 -28.38 -18.14 32.15
N GLN B 238 -29.04 -17.07 31.68
CA GLN B 238 -30.30 -17.12 30.94
C GLN B 238 -30.41 -15.91 30.02
N LEU B 239 -31.25 -16.04 28.98
CA LEU B 239 -31.47 -14.98 28.01
C LEU B 239 -30.12 -14.48 27.46
N ASN B 240 -29.23 -15.43 27.13
CA ASN B 240 -27.88 -15.13 26.68
C ASN B 240 -27.89 -15.00 25.15
N PHE B 241 -28.74 -14.09 24.66
CA PHE B 241 -28.85 -13.76 23.26
C PHE B 241 -28.79 -12.25 23.09
N ARG B 242 -28.29 -11.82 21.94
CA ARG B 242 -28.21 -10.43 21.57
C ARG B 242 -29.48 -10.07 20.79
N ALA B 243 -29.92 -8.82 20.90
CA ALA B 243 -30.99 -8.30 20.07
C ALA B 243 -30.60 -8.33 18.58
N THR B 244 -31.66 -8.49 17.77
CA THR B 244 -31.66 -8.55 16.32
C THR B 244 -31.10 -7.23 15.78
N GLN B 245 -30.21 -7.33 14.77
CA GLN B 245 -29.49 -6.21 14.17
C GLN B 245 -30.01 -5.99 12.75
N PRO B 246 -30.00 -4.73 12.24
CA PRO B 246 -30.41 -4.45 10.86
C PRO B 246 -29.42 -4.93 9.81
N LEU B 247 -29.97 -5.30 8.65
CA LEU B 247 -29.19 -5.88 7.56
C LEU B 247 -28.38 -4.81 6.85
N ASN B 248 -28.90 -3.56 6.83
CA ASN B 248 -28.19 -2.42 6.25
C ASN B 248 -27.79 -2.71 4.80
N GLY B 249 -28.71 -3.28 4.01
CA GLY B 249 -28.44 -3.52 2.60
C GLY B 249 -27.98 -4.93 2.27
N ARG B 250 -27.56 -5.72 3.28
CA ARG B 250 -27.13 -7.09 3.04
C ARG B 250 -28.36 -7.91 2.63
N VAL B 251 -28.16 -8.79 1.63
CA VAL B 251 -29.17 -9.75 1.22
C VAL B 251 -28.77 -11.13 1.77
N ILE B 252 -29.68 -11.76 2.53
CA ILE B 252 -29.52 -13.13 2.96
C ILE B 252 -29.77 -14.02 1.76
N GLU B 253 -28.87 -15.01 1.56
CA GLU B 253 -29.03 -16.00 0.51
C GLU B 253 -29.62 -17.29 1.06
N ALA B 254 -30.15 -18.09 0.12
CA ALA B 254 -30.80 -19.36 0.35
C ALA B 254 -30.29 -20.38 -0.66
N SER B 255 -30.12 -21.62 -0.17
CA SER B 255 -29.60 -22.72 -0.96
C SER B 255 -30.73 -23.48 -1.68
N PHE B 256 -31.96 -23.01 -1.54
CA PHE B 256 -33.14 -23.73 -2.01
C PHE B 256 -34.16 -22.73 -2.59
N PRO B 257 -34.91 -23.11 -3.67
CA PRO B 257 -35.90 -22.22 -4.30
C PRO B 257 -37.07 -21.92 -3.38
N TRP C 7 15.58 -12.95 12.47
CA TRP C 7 16.45 -11.95 13.16
C TRP C 7 15.85 -11.54 14.51
N ARG C 8 16.73 -11.07 15.40
CA ARG C 8 16.41 -10.79 16.78
C ARG C 8 17.41 -9.78 17.37
N TYR C 9 17.03 -9.17 18.49
CA TYR C 9 17.90 -8.29 19.28
C TYR C 9 18.74 -9.18 20.21
N GLY C 10 20.04 -8.84 20.38
CA GLY C 10 20.92 -9.60 21.26
C GLY C 10 21.66 -10.73 20.55
N GLY C 11 20.90 -11.68 19.94
CA GLY C 11 21.47 -12.89 19.39
C GLY C 11 21.63 -12.88 17.87
N ASP C 12 22.08 -14.02 17.32
CA ASP C 12 22.29 -14.24 15.90
C ASP C 12 20.97 -14.64 15.25
N PRO C 13 20.80 -14.61 13.91
CA PRO C 13 21.88 -14.33 12.95
C PRO C 13 22.41 -12.89 12.91
N PRO C 14 23.69 -12.68 12.47
CA PRO C 14 24.23 -11.32 12.29
C PRO C 14 23.38 -10.62 11.23
N TRP C 15 22.98 -9.36 11.51
CA TRP C 15 22.04 -8.63 10.68
C TRP C 15 22.53 -8.48 9.23
N PRO C 16 23.84 -8.28 8.93
CA PRO C 16 24.30 -8.20 7.54
C PRO C 16 24.14 -9.49 6.73
N ARG C 17 24.13 -10.67 7.41
CA ARG C 17 23.77 -11.93 6.78
C ARG C 17 22.29 -11.93 6.36
N VAL C 18 21.41 -11.30 7.16
CA VAL C 18 19.98 -11.24 6.89
C VAL C 18 19.68 -10.24 5.78
N SER C 19 20.24 -9.02 5.91
CA SER C 19 20.09 -7.99 4.90
C SER C 19 21.43 -7.26 4.72
N PRO C 20 22.11 -7.38 3.54
CA PRO C 20 23.35 -6.67 3.24
C PRO C 20 23.38 -5.19 3.61
N ALA C 21 22.24 -4.50 3.41
CA ALA C 21 22.11 -3.05 3.65
C ALA C 21 22.44 -2.64 5.08
N CYS C 22 22.38 -3.62 6.02
CA CYS C 22 22.63 -3.40 7.45
C CYS C 22 24.12 -3.13 7.71
N ALA C 23 24.95 -3.27 6.66
CA ALA C 23 26.38 -2.98 6.69
C ALA C 23 26.72 -1.68 5.95
N GLY C 24 25.71 -0.88 5.60
CA GLY C 24 25.92 0.46 5.06
C GLY C 24 26.59 1.42 6.04
N ARG C 25 27.17 2.48 5.47
CA ARG C 25 27.94 3.50 6.17
C ARG C 25 27.03 4.49 6.89
N PHE C 26 25.77 4.63 6.41
CA PHE C 26 24.85 5.68 6.84
C PHE C 26 23.59 5.09 7.51
N GLN C 27 23.81 4.48 8.68
CA GLN C 27 22.80 3.73 9.41
C GLN C 27 22.19 4.60 10.52
N SER C 28 21.12 4.08 11.11
CA SER C 28 20.40 4.70 12.20
C SER C 28 20.24 3.62 13.26
N PRO C 29 20.02 3.97 14.56
CA PRO C 29 19.96 5.36 15.02
C PRO C 29 21.32 5.95 15.39
N VAL C 30 21.32 7.24 15.75
CA VAL C 30 22.54 8.01 15.99
C VAL C 30 22.43 8.79 17.32
N ASP C 31 23.60 9.28 17.77
CA ASP C 31 23.71 10.20 18.90
C ASP C 31 23.62 11.61 18.35
N ILE C 32 22.56 12.33 18.76
CA ILE C 32 22.37 13.73 18.39
C ILE C 32 23.20 14.58 19.35
N ARG C 33 24.14 15.37 18.81
CA ARG C 33 24.98 16.26 19.60
C ARG C 33 24.55 17.67 19.25
N PRO C 34 23.62 18.30 20.00
CA PRO C 34 23.00 19.55 19.52
C PRO C 34 24.00 20.65 19.15
N GLN C 35 25.21 20.60 19.76
CA GLN C 35 26.27 21.57 19.49
C GLN C 35 26.72 21.46 18.03
N LEU C 36 26.89 20.22 17.52
CA LEU C 36 27.41 19.96 16.17
C LEU C 36 26.34 20.01 15.07
N ALA C 37 25.11 20.41 15.43
CA ALA C 37 23.99 20.39 14.49
C ALA C 37 23.99 21.70 13.74
N ALA C 38 23.48 21.69 12.51
CA ALA C 38 23.46 22.86 11.66
C ALA C 38 22.05 23.46 11.65
N PHE C 39 21.89 24.61 12.33
CA PHE C 39 20.66 25.39 12.23
C PHE C 39 20.39 25.62 10.74
N SER C 40 19.21 25.20 10.27
CA SER C 40 18.80 25.48 8.91
C SER C 40 17.41 26.12 8.93
N PRO C 41 17.31 27.45 8.75
CA PRO C 41 16.02 28.13 8.69
C PRO C 41 15.01 27.65 7.64
N ALA C 42 15.44 26.82 6.68
CA ALA C 42 14.52 26.30 5.66
C ALA C 42 13.60 25.21 6.21
N LEU C 43 13.95 24.62 7.36
CA LEU C 43 13.16 23.60 8.02
C LEU C 43 11.93 24.26 8.68
N ARG C 44 10.75 24.05 8.06
CA ARG C 44 9.50 24.65 8.51
C ARG C 44 8.77 23.69 9.42
N PRO C 45 7.73 24.13 10.18
CA PRO C 45 6.95 23.21 11.02
C PRO C 45 6.35 22.06 10.22
N LEU C 46 6.41 20.86 10.79
CA LEU C 46 5.74 19.66 10.28
C LEU C 46 4.23 19.89 10.20
N GLU C 47 3.59 19.33 9.17
CA GLU C 47 2.14 19.40 9.01
C GLU C 47 1.56 18.00 8.85
N LEU C 48 0.63 17.67 9.76
CA LEU C 48 -0.09 16.38 9.73
C LEU C 48 -1.53 16.64 9.33
N LEU C 49 -2.06 15.80 8.44
CA LEU C 49 -3.48 15.82 8.10
C LEU C 49 -4.05 14.41 8.29
N GLY C 50 -5.22 14.31 8.95
CA GLY C 50 -5.97 13.07 8.98
C GLY C 50 -5.59 12.15 10.13
N PHE C 51 -4.78 12.66 11.07
CA PHE C 51 -4.33 11.85 12.19
C PHE C 51 -5.40 11.72 13.28
N GLN C 52 -6.47 12.55 13.21
CA GLN C 52 -7.54 12.46 14.21
C GLN C 52 -8.55 11.43 13.75
N LEU C 53 -8.32 10.17 14.14
CA LEU C 53 -9.11 9.06 13.66
C LEU C 53 -10.33 8.87 14.56
N PRO C 54 -11.48 8.47 13.95
CA PRO C 54 -12.67 8.08 14.72
C PRO C 54 -12.50 6.67 15.28
N PRO C 55 -13.38 6.21 16.20
CA PRO C 55 -13.29 4.86 16.77
C PRO C 55 -13.33 3.70 15.76
N LEU C 56 -14.19 3.83 14.74
CA LEU C 56 -14.29 2.85 13.67
C LEU C 56 -13.85 3.48 12.35
N PRO C 57 -13.17 2.72 11.47
CA PRO C 57 -12.76 1.33 11.77
C PRO C 57 -11.64 1.13 12.80
N GLU C 58 -11.64 -0.02 13.47
CA GLU C 58 -10.58 -0.38 14.39
C GLU C 58 -9.25 -0.67 13.67
N LEU C 59 -8.14 -0.57 14.42
CA LEU C 59 -6.77 -0.67 13.93
C LEU C 59 -6.13 -1.95 14.49
N ARG C 60 -5.28 -2.62 13.70
CA ARG C 60 -4.57 -3.79 14.19
C ARG C 60 -3.37 -3.39 15.07
N LEU C 61 -3.27 -4.00 16.25
CA LEU C 61 -2.15 -3.81 17.16
C LEU C 61 -1.52 -5.19 17.42
N ARG C 62 -0.24 -5.28 17.11
CA ARG C 62 0.43 -6.56 17.00
C ARG C 62 1.74 -6.53 17.79
N ASN C 63 2.00 -7.66 18.48
CA ASN C 63 3.30 -8.04 19.01
C ASN C 63 3.97 -8.93 17.96
N ASN C 64 4.92 -8.33 17.22
CA ASN C 64 5.64 -9.00 16.14
C ASN C 64 6.92 -9.66 16.69
N GLY C 65 7.11 -9.65 18.01
CA GLY C 65 8.27 -10.28 18.66
C GLY C 65 9.49 -9.36 18.77
N HIS C 66 9.42 -8.19 18.12
CA HIS C 66 10.46 -7.16 18.04
C HIS C 66 9.97 -5.85 18.66
N SER C 67 8.65 -5.58 18.53
CA SER C 67 8.04 -4.34 18.98
C SER C 67 6.52 -4.52 19.14
N VAL C 68 5.82 -3.47 19.58
CA VAL C 68 4.37 -3.44 19.44
C VAL C 68 4.05 -2.49 18.29
N GLN C 69 3.33 -2.98 17.28
CA GLN C 69 3.08 -2.17 16.09
C GLN C 69 1.59 -1.90 15.88
N LEU C 70 1.24 -0.64 15.67
CA LEU C 70 -0.10 -0.22 15.30
C LEU C 70 -0.11 0.06 13.80
N THR C 71 -0.91 -0.71 13.06
CA THR C 71 -1.11 -0.48 11.63
C THR C 71 -2.07 0.69 11.44
N LEU C 72 -1.66 1.66 10.60
CA LEU C 72 -2.41 2.89 10.42
C LEU C 72 -3.22 2.81 9.13
N PRO C 73 -4.41 3.46 9.06
CA PRO C 73 -5.27 3.33 7.89
C PRO C 73 -4.83 4.30 6.80
N PRO C 74 -5.44 4.23 5.58
CA PRO C 74 -5.18 5.22 4.54
C PRO C 74 -5.63 6.62 4.92
N GLY C 75 -4.99 7.60 4.30
CA GLY C 75 -5.38 9.00 4.39
C GLY C 75 -4.74 9.78 5.53
N LEU C 76 -3.64 9.29 6.14
CA LEU C 76 -2.86 10.05 7.11
C LEU C 76 -1.67 10.70 6.38
N GLU C 77 -1.76 12.02 6.13
CA GLU C 77 -0.81 12.73 5.28
C GLU C 77 0.17 13.52 6.15
N MET C 78 1.42 13.64 5.67
CA MET C 78 2.45 14.34 6.42
C MET C 78 3.42 14.99 5.45
N ALA C 79 3.71 16.28 5.69
CA ALA C 79 4.59 17.10 4.86
C ALA C 79 5.82 17.53 5.67
N LEU C 80 7.03 17.23 5.18
CA LEU C 80 8.26 17.68 5.86
C LEU C 80 8.55 19.13 5.46
N GLY C 81 7.94 19.54 4.35
CA GLY C 81 7.92 20.92 3.91
C GLY C 81 7.29 20.96 2.52
N PRO C 82 7.21 22.14 1.88
CA PRO C 82 6.64 22.24 0.53
C PRO C 82 7.18 21.20 -0.47
N GLY C 83 6.29 20.43 -1.07
CA GLY C 83 6.65 19.44 -2.07
C GLY C 83 7.32 18.17 -1.53
N ARG C 84 7.27 17.94 -0.20
CA ARG C 84 7.91 16.78 0.45
C ARG C 84 6.83 16.04 1.27
N GLU C 85 5.96 15.30 0.55
CA GLU C 85 4.71 14.82 1.10
C GLU C 85 4.79 13.31 1.33
N TYR C 86 4.25 12.85 2.46
CA TYR C 86 4.31 11.45 2.90
C TYR C 86 2.93 10.96 3.36
N ARG C 87 2.78 9.62 3.49
CA ARG C 87 1.62 8.96 4.06
C ARG C 87 2.03 8.00 5.16
N ALA C 88 1.33 8.03 6.31
CA ALA C 88 1.63 7.16 7.43
C ALA C 88 1.25 5.73 7.11
N LEU C 89 2.09 4.77 7.54
CA LEU C 89 1.87 3.34 7.38
C LEU C 89 1.63 2.64 8.72
N GLN C 90 2.45 2.95 9.71
CA GLN C 90 2.45 2.21 10.95
C GLN C 90 3.19 3.07 11.98
N LEU C 91 2.96 2.79 13.26
CA LEU C 91 3.82 3.30 14.32
C LEU C 91 4.12 2.16 15.27
N HIS C 92 5.21 2.32 16.02
CA HIS C 92 5.70 1.31 16.94
C HIS C 92 6.65 1.97 17.95
N LEU C 93 7.20 1.17 18.87
CA LEU C 93 7.88 1.68 20.04
C LEU C 93 9.16 0.86 20.29
N HIS C 94 10.17 1.56 20.85
CA HIS C 94 11.36 0.91 21.36
C HIS C 94 11.50 1.28 22.84
N TRP C 95 11.84 0.29 23.68
CA TRP C 95 11.83 0.47 25.13
C TRP C 95 12.94 -0.34 25.80
N GLY C 96 13.10 -0.07 27.11
CA GLY C 96 14.17 -0.68 27.89
C GLY C 96 13.69 -1.84 28.75
N ALA C 97 14.07 -1.79 30.04
CA ALA C 97 13.62 -2.68 31.10
C ALA C 97 13.47 -1.89 32.40
N ALA C 98 13.46 -2.59 33.54
CA ALA C 98 13.33 -1.94 34.85
C ALA C 98 14.60 -1.15 35.18
N GLY C 99 14.45 0.18 35.30
CA GLY C 99 15.56 1.11 35.53
C GLY C 99 16.71 1.00 34.51
N ARG C 100 16.38 0.73 33.24
CA ARG C 100 17.36 0.73 32.16
C ARG C 100 16.70 1.36 30.93
N PRO C 101 17.14 2.54 30.46
CA PRO C 101 16.44 3.24 29.37
C PRO C 101 16.64 2.48 28.04
N GLY C 102 15.77 2.76 27.05
CA GLY C 102 15.79 1.95 25.82
C GLY C 102 15.36 2.67 24.55
N SER C 103 15.47 4.01 24.50
CA SER C 103 15.34 4.75 23.26
C SER C 103 16.42 4.34 22.26
N GLU C 104 16.27 4.74 20.99
CA GLU C 104 17.19 4.33 19.94
C GLU C 104 18.20 5.45 19.69
N HIS C 105 17.67 6.65 19.49
CA HIS C 105 18.45 7.86 19.43
C HIS C 105 18.88 8.25 20.84
N THR C 106 20.10 8.78 20.94
CA THR C 106 20.57 9.36 22.19
C THR C 106 20.83 10.84 21.94
N VAL C 107 20.82 11.65 23.00
CA VAL C 107 21.25 13.04 22.92
C VAL C 107 22.46 13.23 23.86
N GLU C 108 23.62 13.61 23.29
CA GLU C 108 24.88 13.75 24.01
C GLU C 108 25.07 12.57 24.96
N GLY C 109 24.87 11.37 24.43
CA GLY C 109 25.14 10.14 25.16
C GLY C 109 23.96 9.66 26.02
N HIS C 110 23.01 10.57 26.33
CA HIS C 110 21.86 10.25 27.17
C HIS C 110 20.79 9.46 26.39
N ARG C 111 20.50 8.24 26.87
CA ARG C 111 19.41 7.42 26.37
C ARG C 111 18.15 7.67 27.22
N PHE C 112 17.02 7.90 26.53
CA PHE C 112 15.74 8.15 27.17
C PHE C 112 15.00 6.85 27.44
N PRO C 113 13.99 6.84 28.34
CA PRO C 113 13.25 5.60 28.65
C PRO C 113 12.72 4.78 27.46
N ALA C 114 12.08 5.46 26.49
CA ALA C 114 11.53 4.77 25.32
C ALA C 114 11.41 5.74 24.14
N GLU C 115 10.94 5.23 22.98
CA GLU C 115 10.88 6.03 21.76
C GLU C 115 9.73 5.53 20.88
N ILE C 116 9.02 6.48 20.26
CA ILE C 116 7.97 6.19 19.29
C ILE C 116 8.44 6.52 17.88
N HIS C 117 8.24 5.57 16.94
CA HIS C 117 8.41 5.81 15.51
C HIS C 117 7.06 5.80 14.75
N VAL C 118 6.82 6.83 13.92
CA VAL C 118 5.76 6.83 12.94
C VAL C 118 6.39 6.75 11.53
N VAL C 119 6.22 5.59 10.85
CA VAL C 119 6.85 5.30 9.56
C VAL C 119 5.93 5.70 8.42
N HIS C 120 6.48 6.43 7.44
CA HIS C 120 5.77 7.05 6.33
C HIS C 120 6.41 6.70 4.99
N LEU C 121 5.58 6.64 3.93
CA LEU C 121 6.00 6.39 2.56
C LEU C 121 5.86 7.67 1.75
N SER C 122 6.85 7.99 0.93
CA SER C 122 6.74 9.12 0.04
C SER C 122 5.59 8.88 -0.95
N THR C 123 4.81 9.94 -1.22
CA THR C 123 3.69 9.86 -2.14
C THR C 123 4.15 9.59 -3.58
N ALA C 124 5.44 9.78 -3.87
CA ALA C 124 6.00 9.48 -5.19
C ALA C 124 6.11 7.98 -5.44
N PHE C 125 5.89 7.18 -4.39
CA PHE C 125 6.01 5.73 -4.49
C PHE C 125 4.68 5.08 -4.10
N ALA C 126 4.30 4.05 -4.85
CA ALA C 126 3.07 3.31 -4.60
C ALA C 126 3.35 2.17 -3.64
N ARG C 127 4.55 1.60 -3.69
CA ARG C 127 4.87 0.42 -2.89
C ARG C 127 6.13 0.66 -2.09
N VAL C 128 6.17 0.04 -0.91
CA VAL C 128 7.32 0.19 -0.04
C VAL C 128 8.56 -0.44 -0.69
N ASP C 129 8.42 -1.54 -1.44
CA ASP C 129 9.61 -2.21 -1.97
C ASP C 129 10.32 -1.37 -3.04
N GLU C 130 9.61 -0.48 -3.73
CA GLU C 130 10.23 0.48 -4.65
C GLU C 130 10.87 1.67 -3.92
N ALA C 131 10.42 1.96 -2.69
CA ALA C 131 10.85 3.14 -1.96
C ALA C 131 12.12 2.84 -1.17
N LEU C 132 12.36 1.55 -0.88
CA LEU C 132 13.43 1.13 0.01
C LEU C 132 14.77 1.47 -0.64
N GLY C 133 15.65 2.17 0.09
CA GLY C 133 16.99 2.47 -0.44
C GLY C 133 17.02 3.70 -1.37
N ARG C 134 15.85 4.28 -1.71
CA ARG C 134 15.79 5.41 -2.61
C ARG C 134 15.79 6.68 -1.77
N PRO C 135 16.40 7.79 -2.27
CA PRO C 135 16.46 9.04 -1.51
C PRO C 135 15.09 9.61 -1.17
N GLY C 136 14.84 9.74 0.14
CA GLY C 136 13.60 10.30 0.67
C GLY C 136 12.37 9.40 0.49
N GLY C 137 12.61 8.10 0.20
CA GLY C 137 11.57 7.14 -0.10
C GLY C 137 10.69 6.85 1.11
N LEU C 138 11.33 6.72 2.28
CA LEU C 138 10.65 6.66 3.57
C LEU C 138 11.11 7.80 4.47
N ALA C 139 10.23 8.12 5.44
CA ALA C 139 10.46 9.11 6.48
C ALA C 139 9.90 8.56 7.78
N VAL C 140 10.67 8.68 8.86
CA VAL C 140 10.23 8.28 10.19
C VAL C 140 10.20 9.53 11.09
N LEU C 141 9.08 9.72 11.79
CA LEU C 141 8.98 10.72 12.85
C LEU C 141 9.28 10.02 14.16
N ALA C 142 10.17 10.60 14.97
CA ALA C 142 10.56 9.96 16.21
C ALA C 142 10.36 10.93 17.38
N ALA C 143 9.89 10.41 18.51
CA ALA C 143 9.78 11.22 19.72
C ALA C 143 10.25 10.39 20.91
N PHE C 144 10.94 11.04 21.85
CA PHE C 144 11.35 10.39 23.08
C PHE C 144 10.18 10.37 24.04
N LEU C 145 10.08 9.29 24.81
CA LEU C 145 9.12 9.20 25.89
C LEU C 145 9.94 9.23 27.18
N GLU C 146 9.54 10.14 28.08
CA GLU C 146 10.16 10.29 29.40
C GLU C 146 9.14 10.04 30.52
N GLU C 147 9.67 9.79 31.73
CA GLU C 147 8.84 9.73 32.92
C GLU C 147 8.30 11.11 33.26
N GLY C 148 6.98 11.18 33.51
CA GLY C 148 6.31 12.36 34.02
C GLY C 148 5.48 12.01 35.24
N PRO C 149 4.88 13.03 35.92
CA PRO C 149 4.01 12.79 37.06
C PRO C 149 2.63 12.26 36.64
N GLU C 150 2.07 12.79 35.54
CA GLU C 150 0.73 12.43 35.12
C GLU C 150 0.72 11.19 34.24
N GLU C 151 -0.41 10.49 34.27
CA GLU C 151 -0.73 9.42 33.34
C GLU C 151 -1.05 10.04 31.97
N ASN C 152 -0.42 9.55 30.90
CA ASN C 152 -0.73 10.00 29.55
C ASN C 152 -1.91 9.16 29.06
N SER C 153 -3.02 9.84 28.75
CA SER C 153 -4.27 9.16 28.46
C SER C 153 -4.39 8.76 26.98
N ALA C 154 -3.67 9.44 26.07
CA ALA C 154 -3.55 8.97 24.70
C ALA C 154 -2.85 7.60 24.66
N TYR C 155 -1.75 7.49 25.42
CA TYR C 155 -0.94 6.27 25.45
C TYR C 155 -1.67 5.15 26.18
N GLU C 156 -2.55 5.50 27.14
CA GLU C 156 -3.26 4.52 27.95
C GLU C 156 -4.18 3.64 27.10
N GLN C 157 -4.72 4.21 26.01
CA GLN C 157 -5.54 3.49 25.04
C GLN C 157 -4.78 2.32 24.39
N LEU C 158 -3.47 2.47 24.22
CA LEU C 158 -2.66 1.39 23.65
C LEU C 158 -2.12 0.49 24.77
N LEU C 159 -1.61 1.08 25.87
CA LEU C 159 -0.89 0.33 26.88
C LEU C 159 -1.84 -0.62 27.63
N SER C 160 -3.12 -0.23 27.73
CA SER C 160 -4.13 -1.03 28.42
C SER C 160 -4.49 -2.28 27.61
N ARG C 161 -4.06 -2.33 26.33
CA ARG C 161 -4.37 -3.46 25.45
C ARG C 161 -3.20 -4.43 25.31
N LEU C 162 -2.04 -4.12 25.93
CA LEU C 162 -0.83 -4.90 25.72
C LEU C 162 -0.95 -6.30 26.30
N GLU C 163 -1.66 -6.44 27.44
CA GLU C 163 -1.89 -7.73 28.08
C GLU C 163 -2.54 -8.76 27.13
N GLU C 164 -3.47 -8.32 26.27
CA GLU C 164 -4.10 -9.19 25.28
C GLU C 164 -3.11 -9.73 24.24
N ILE C 165 -1.99 -9.05 24.01
CA ILE C 165 -1.04 -9.50 23.00
C ILE C 165 0.32 -9.81 23.65
N ALA C 166 0.29 -10.36 24.87
CA ALA C 166 1.53 -10.68 25.57
C ALA C 166 2.28 -11.74 24.79
N GLU C 167 1.57 -12.72 24.22
CA GLU C 167 2.20 -13.75 23.41
C GLU C 167 2.84 -13.12 22.17
N GLU C 168 4.05 -13.59 21.84
CA GLU C 168 4.74 -13.19 20.62
C GLU C 168 3.93 -13.60 19.38
N GLY C 169 3.81 -12.68 18.44
CA GLY C 169 3.12 -12.95 17.18
C GLY C 169 1.59 -12.86 17.31
N SER C 170 1.10 -12.23 18.38
CA SER C 170 -0.32 -12.08 18.63
C SER C 170 -0.77 -10.66 18.29
N GLU C 171 -2.05 -10.51 17.95
CA GLU C 171 -2.62 -9.23 17.58
C GLU C 171 -4.03 -9.10 18.17
N THR C 172 -4.50 -7.86 18.20
CA THR C 172 -5.84 -7.49 18.62
C THR C 172 -6.26 -6.27 17.80
N GLN C 173 -7.56 -5.97 17.80
CA GLN C 173 -8.08 -4.79 17.14
C GLN C 173 -8.39 -3.77 18.25
N VAL C 174 -8.05 -2.49 18.01
CA VAL C 174 -8.27 -1.41 18.97
C VAL C 174 -9.00 -0.25 18.28
N PRO C 175 -9.77 0.57 19.02
CA PRO C 175 -10.49 1.70 18.45
C PRO C 175 -9.48 2.70 17.88
N GLY C 176 -9.88 3.42 16.83
CA GLY C 176 -9.10 4.55 16.32
C GLY C 176 -8.94 5.61 17.40
N LEU C 177 -7.91 6.46 17.26
CA LEU C 177 -7.61 7.47 18.25
C LEU C 177 -6.87 8.62 17.57
N ASP C 178 -6.65 9.68 18.34
CA ASP C 178 -5.87 10.81 17.86
C ASP C 178 -4.40 10.42 17.87
N ILE C 179 -3.90 10.01 16.69
CA ILE C 179 -2.54 9.51 16.56
C ILE C 179 -1.56 10.64 16.87
N SER C 180 -1.92 11.87 16.52
CA SER C 180 -1.04 13.02 16.77
C SER C 180 -0.91 13.35 18.27
N ALA C 181 -1.81 12.81 19.10
CA ALA C 181 -1.71 13.03 20.54
C ALA C 181 -0.72 12.06 21.18
N LEU C 182 -0.12 11.16 20.37
CA LEU C 182 0.98 10.31 20.84
C LEU C 182 2.33 11.00 20.61
N LEU C 183 2.28 12.18 19.97
CA LEU C 183 3.46 12.92 19.56
C LEU C 183 3.51 14.24 20.34
N PRO C 184 4.66 14.94 20.40
CA PRO C 184 4.72 16.24 21.07
C PRO C 184 3.80 17.24 20.38
N SER C 185 3.47 18.35 21.06
CA SER C 185 2.70 19.45 20.47
C SER C 185 3.57 20.46 19.70
N ASP C 186 4.90 20.53 19.99
CA ASP C 186 5.79 21.41 19.25
C ASP C 186 6.30 20.73 17.97
N PHE C 187 5.75 21.14 16.81
CA PHE C 187 6.06 20.54 15.52
C PHE C 187 7.10 21.38 14.78
N SER C 188 7.67 22.41 15.47
CA SER C 188 8.50 23.41 14.79
C SER C 188 9.98 23.27 15.21
N ARG C 189 10.22 22.51 16.29
CA ARG C 189 11.55 22.30 16.84
C ARG C 189 11.91 20.82 16.70
N TYR C 190 12.85 20.53 15.78
CA TYR C 190 13.25 19.16 15.51
C TYR C 190 14.66 19.13 14.93
N PHE C 191 15.28 17.95 15.07
CA PHE C 191 16.47 17.55 14.34
C PHE C 191 16.06 16.76 13.07
N GLN C 192 16.86 16.85 11.99
CA GLN C 192 16.60 16.04 10.81
C GLN C 192 17.92 15.54 10.22
N TYR C 193 18.02 14.24 9.90
CA TYR C 193 19.17 13.68 9.22
C TYR C 193 18.71 12.56 8.28
N GLU C 194 19.60 12.14 7.38
CA GLU C 194 19.38 11.00 6.51
C GLU C 194 20.08 9.78 7.10
N GLY C 195 19.33 8.68 7.18
CA GLY C 195 19.83 7.44 7.76
C GLY C 195 19.13 6.22 7.18
N SER C 196 18.83 5.25 8.04
CA SER C 196 18.39 3.92 7.66
C SER C 196 17.26 3.44 8.59
N LEU C 197 16.63 2.33 8.20
CA LEU C 197 15.80 1.55 9.11
C LEU C 197 16.74 0.90 10.14
N THR C 198 16.30 0.88 11.40
CA THR C 198 17.13 0.48 12.52
C THR C 198 16.93 -1.01 12.81
N THR C 199 16.21 -1.70 11.92
CA THR C 199 16.17 -3.16 11.92
C THR C 199 16.32 -3.58 10.47
N PRO C 200 16.62 -4.85 10.18
CA PRO C 200 16.53 -5.32 8.78
C PRO C 200 15.19 -4.92 8.17
N PRO C 201 15.11 -4.58 6.86
CA PRO C 201 16.27 -4.70 5.95
C PRO C 201 17.32 -3.57 6.00
N CYS C 202 17.21 -2.63 6.98
CA CYS C 202 18.20 -1.58 7.23
C CYS C 202 18.42 -0.69 6.01
N ALA C 203 17.40 -0.51 5.18
CA ALA C 203 17.57 0.27 3.96
C ALA C 203 17.90 1.72 4.32
N GLN C 204 18.81 2.31 3.54
CA GLN C 204 19.21 3.71 3.62
C GLN C 204 18.27 4.58 2.78
N GLY C 205 18.53 5.89 2.76
CA GLY C 205 17.68 6.86 2.07
C GLY C 205 16.54 7.39 2.94
N VAL C 206 16.50 6.99 4.23
CA VAL C 206 15.40 7.28 5.12
C VAL C 206 15.61 8.65 5.78
N ILE C 207 14.57 9.49 5.76
CA ILE C 207 14.63 10.81 6.40
C ILE C 207 14.04 10.76 7.80
N TRP C 208 14.93 10.94 8.80
CA TRP C 208 14.58 10.94 10.21
C TRP C 208 14.37 12.35 10.72
N THR C 209 13.19 12.57 11.31
CA THR C 209 12.88 13.79 12.02
C THR C 209 12.69 13.45 13.50
N VAL C 210 13.60 13.97 14.36
CA VAL C 210 13.54 13.73 15.79
C VAL C 210 13.11 15.03 16.48
N PHE C 211 11.95 14.97 17.13
CA PHE C 211 11.41 16.10 17.89
C PHE C 211 12.34 16.46 19.06
N GLN C 212 12.48 17.77 19.32
CA GLN C 212 13.15 18.22 20.54
C GLN C 212 12.26 18.04 21.77
N GLN C 213 10.98 18.43 21.70
CA GLN C 213 10.08 18.22 22.83
C GLN C 213 9.81 16.72 23.00
N THR C 214 9.77 16.27 24.27
CA THR C 214 9.48 14.88 24.63
C THR C 214 8.00 14.69 24.98
N VAL C 215 7.63 13.41 25.12
CA VAL C 215 6.29 13.01 25.54
C VAL C 215 6.45 12.40 26.92
N MET C 216 5.49 12.67 27.83
CA MET C 216 5.62 12.20 29.20
C MET C 216 4.60 11.09 29.49
N LEU C 217 5.11 9.96 30.01
CA LEU C 217 4.31 8.85 30.49
C LEU C 217 4.55 8.70 32.00
N SER C 218 3.61 8.06 32.72
CA SER C 218 3.79 7.78 34.14
C SER C 218 4.75 6.60 34.31
N ALA C 219 5.26 6.40 35.52
CA ALA C 219 6.20 5.32 35.77
C ALA C 219 5.49 3.98 35.60
N LYS C 220 4.17 3.98 35.85
CA LYS C 220 3.38 2.77 35.73
C LYS C 220 3.25 2.39 34.25
N GLN C 221 2.96 3.40 33.41
CA GLN C 221 2.81 3.26 31.97
C GLN C 221 4.11 2.73 31.35
N LEU C 222 5.22 3.32 31.76
CA LEU C 222 6.54 2.89 31.30
C LEU C 222 6.80 1.44 31.69
N HIS C 223 6.36 1.05 32.89
CA HIS C 223 6.51 -0.32 33.38
C HIS C 223 5.53 -1.27 32.65
N THR C 224 4.34 -0.79 32.26
CA THR C 224 3.43 -1.61 31.48
C THR C 224 4.10 -1.96 30.14
N LEU C 225 4.58 -0.94 29.42
CA LEU C 225 5.26 -1.08 28.13
C LEU C 225 6.38 -2.12 28.20
N SER C 226 7.23 -1.98 29.22
CA SER C 226 8.49 -2.71 29.29
C SER C 226 8.32 -4.11 29.90
N ASP C 227 7.19 -4.38 30.56
CA ASP C 227 7.07 -5.58 31.36
C ASP C 227 5.99 -6.56 30.85
N THR C 228 5.16 -6.18 29.87
CA THR C 228 3.97 -6.95 29.52
C THR C 228 4.23 -7.99 28.42
N LEU C 229 5.08 -7.66 27.42
CA LEU C 229 5.15 -8.44 26.19
C LEU C 229 6.30 -9.45 26.23
N TRP C 230 6.09 -10.57 25.53
CA TRP C 230 7.04 -11.65 25.40
C TRP C 230 7.54 -11.74 23.96
N GLY C 231 8.81 -12.09 23.81
CA GLY C 231 9.50 -12.13 22.55
C GLY C 231 10.01 -13.53 22.25
N PRO C 232 11.00 -13.68 21.33
CA PRO C 232 11.41 -15.01 20.88
C PRO C 232 12.06 -15.75 22.05
N GLY C 233 11.85 -17.08 22.10
CA GLY C 233 12.33 -17.90 23.20
C GLY C 233 11.40 -17.80 24.41
N ASP C 234 11.92 -18.13 25.59
CA ASP C 234 11.15 -17.93 26.82
C ASP C 234 11.31 -16.48 27.30
N SER C 235 11.62 -15.54 26.38
CA SER C 235 12.21 -14.23 26.72
C SER C 235 11.16 -13.13 26.82
N ARG C 236 11.43 -12.13 27.66
CA ARG C 236 10.70 -10.87 27.67
C ARG C 236 11.11 -9.99 26.50
N LEU C 237 10.18 -9.15 26.06
CA LEU C 237 10.44 -8.22 24.98
C LEU C 237 10.82 -6.90 25.64
N GLN C 238 12.14 -6.72 25.77
CA GLN C 238 12.73 -5.60 26.47
C GLN C 238 14.02 -5.23 25.76
N LEU C 239 14.49 -3.98 25.93
CA LEU C 239 15.77 -3.58 25.38
C LEU C 239 15.77 -3.80 23.87
N ASN C 240 14.65 -3.42 23.22
CA ASN C 240 14.41 -3.67 21.80
C ASN C 240 14.87 -2.46 20.99
N PHE C 241 16.18 -2.18 21.09
CA PHE C 241 16.82 -1.04 20.46
C PHE C 241 18.18 -1.48 19.92
N ARG C 242 18.56 -0.85 18.80
CA ARG C 242 19.83 -1.05 18.13
C ARG C 242 20.87 -0.09 18.71
N ALA C 243 22.12 -0.57 18.75
CA ALA C 243 23.29 0.22 19.15
C ALA C 243 23.44 1.45 18.25
N THR C 244 23.79 2.56 18.89
CA THR C 244 24.08 3.84 18.26
C THR C 244 25.07 3.62 17.12
N GLN C 245 24.89 4.37 16.02
CA GLN C 245 25.63 4.18 14.79
C GLN C 245 26.34 5.49 14.44
N PRO C 246 27.62 5.44 13.98
CA PRO C 246 28.37 6.67 13.73
C PRO C 246 27.76 7.51 12.61
N LEU C 247 27.86 8.82 12.76
CA LEU C 247 27.39 9.72 11.73
C LEU C 247 28.21 9.56 10.45
N ASN C 248 29.52 9.30 10.57
CA ASN C 248 30.35 9.00 9.42
C ASN C 248 30.34 10.18 8.44
N GLY C 249 30.30 11.40 9.00
CA GLY C 249 30.45 12.63 8.22
C GLY C 249 29.13 13.30 7.87
N ARG C 250 28.00 12.65 8.21
CA ARG C 250 26.68 13.23 8.04
C ARG C 250 26.50 14.38 9.03
N VAL C 251 25.82 15.45 8.62
CA VAL C 251 25.52 16.56 9.52
C VAL C 251 24.02 16.55 9.85
N ILE C 252 23.68 16.46 11.14
CA ILE C 252 22.32 16.59 11.60
C ILE C 252 21.95 18.05 11.50
N GLU C 253 20.83 18.35 10.81
CA GLU C 253 20.27 19.69 10.79
C GLU C 253 19.31 19.87 11.98
N ALA C 254 19.04 21.13 12.32
CA ALA C 254 18.12 21.53 13.39
C ALA C 254 17.25 22.66 12.86
N SER C 255 15.95 22.66 13.21
CA SER C 255 15.00 23.65 12.71
C SER C 255 14.99 24.93 13.57
N PHE C 256 15.84 24.97 14.60
CA PHE C 256 15.92 26.07 15.56
C PHE C 256 17.38 26.39 15.89
N PRO C 257 17.72 27.68 16.20
CA PRO C 257 19.08 28.07 16.58
C PRO C 257 19.59 27.57 17.94
N TRP D 7 6.04 20.54 -28.98
CA TRP D 7 6.24 21.77 -28.16
C TRP D 7 7.43 22.56 -28.74
N ARG D 8 7.49 23.87 -28.41
CA ARG D 8 8.63 24.69 -28.76
C ARG D 8 8.68 25.96 -27.89
N TYR D 9 9.77 26.73 -28.05
CA TYR D 9 9.93 28.02 -27.38
C TYR D 9 9.24 29.07 -28.25
N GLY D 10 8.55 30.04 -27.62
CA GLY D 10 7.87 31.10 -28.36
C GLY D 10 6.41 30.75 -28.70
N GLY D 11 6.19 29.79 -29.61
CA GLY D 11 4.87 29.55 -30.20
C GLY D 11 3.95 28.68 -29.36
N ASP D 12 2.91 28.14 -30.03
CA ASP D 12 1.99 27.15 -29.48
C ASP D 12 2.59 25.75 -29.68
N PRO D 13 2.10 24.67 -28.99
CA PRO D 13 1.05 24.76 -27.97
C PRO D 13 1.52 25.23 -26.58
N PRO D 14 0.61 25.68 -25.67
CA PRO D 14 0.99 26.05 -24.30
C PRO D 14 1.35 24.79 -23.52
N TRP D 15 2.35 24.87 -22.64
CA TRP D 15 3.06 23.67 -22.23
C TRP D 15 2.16 22.71 -21.45
N PRO D 16 1.27 23.17 -20.53
CA PRO D 16 0.35 22.26 -19.83
C PRO D 16 -0.62 21.42 -20.69
N ARG D 17 -0.70 21.73 -22.01
CA ARG D 17 -1.49 20.95 -22.96
C ARG D 17 -0.70 19.77 -23.51
N VAL D 18 0.57 19.98 -23.86
CA VAL D 18 1.48 18.92 -24.28
C VAL D 18 1.77 17.98 -23.11
N SER D 19 1.76 18.55 -21.89
CA SER D 19 2.46 17.99 -20.75
C SER D 19 1.91 18.65 -19.48
N PRO D 20 0.79 18.14 -18.93
CA PRO D 20 0.19 18.71 -17.71
C PRO D 20 1.05 18.85 -16.46
N ALA D 21 2.17 18.11 -16.38
CA ALA D 21 3.12 18.30 -15.29
C ALA D 21 3.70 19.71 -15.33
N CYS D 22 3.75 20.35 -16.50
CA CYS D 22 4.23 21.73 -16.60
C CYS D 22 3.41 22.73 -15.78
N ALA D 23 2.21 22.35 -15.30
CA ALA D 23 1.38 23.21 -14.47
C ALA D 23 1.43 22.77 -13.01
N GLY D 24 2.38 21.90 -12.68
CA GLY D 24 2.65 21.57 -11.29
C GLY D 24 3.08 22.78 -10.45
N ARG D 25 3.11 22.56 -9.14
CA ARG D 25 3.22 23.59 -8.12
C ARG D 25 4.69 23.93 -7.79
N PHE D 26 5.63 23.11 -8.27
CA PHE D 26 7.04 23.22 -7.88
C PHE D 26 7.95 23.08 -9.11
N GLN D 27 7.89 24.10 -9.98
CA GLN D 27 8.54 24.06 -11.28
C GLN D 27 9.85 24.87 -11.22
N SER D 28 10.62 24.76 -12.30
CA SER D 28 11.91 25.38 -12.52
C SER D 28 11.88 25.99 -13.90
N PRO D 29 12.62 27.08 -14.23
CA PRO D 29 13.56 27.74 -13.31
C PRO D 29 12.88 28.73 -12.37
N VAL D 30 13.65 29.29 -11.43
CA VAL D 30 13.11 30.23 -10.45
C VAL D 30 14.01 31.46 -10.40
N ASP D 31 13.52 32.51 -9.72
CA ASP D 31 14.29 33.71 -9.46
C ASP D 31 14.92 33.60 -8.07
N ILE D 32 16.25 33.74 -8.03
CA ILE D 32 16.98 33.60 -6.79
C ILE D 32 17.18 34.98 -6.17
N ARG D 33 16.69 35.16 -4.95
CA ARG D 33 16.93 36.40 -4.22
C ARG D 33 17.85 36.04 -3.06
N PRO D 34 19.19 36.19 -3.22
CA PRO D 34 20.15 35.72 -2.22
C PRO D 34 19.88 36.12 -0.78
N GLN D 35 19.17 37.25 -0.58
CA GLN D 35 18.90 37.77 0.75
C GLN D 35 17.82 36.95 1.44
N LEU D 36 16.92 36.35 0.64
CA LEU D 36 15.84 35.49 1.14
C LEU D 36 16.28 34.02 1.18
N ALA D 37 17.51 33.70 0.72
CA ALA D 37 18.01 32.34 0.76
C ALA D 37 18.36 31.94 2.20
N ALA D 38 18.16 30.67 2.52
CA ALA D 38 18.49 30.12 3.83
C ALA D 38 19.86 29.46 3.81
N PHE D 39 20.82 30.08 4.50
CA PHE D 39 22.13 29.50 4.77
C PHE D 39 21.91 28.21 5.54
N SER D 40 22.26 27.06 4.93
CA SER D 40 22.39 25.81 5.67
C SER D 40 23.81 25.31 5.61
N PRO D 41 24.54 25.33 6.74
CA PRO D 41 25.92 24.81 6.77
C PRO D 41 26.09 23.30 6.62
N ALA D 42 24.99 22.55 6.43
CA ALA D 42 25.08 21.13 6.11
C ALA D 42 25.42 20.92 4.63
N LEU D 43 25.26 21.94 3.78
CA LEU D 43 25.60 21.85 2.36
C LEU D 43 27.12 21.90 2.20
N ARG D 44 27.72 20.75 1.80
CA ARG D 44 29.16 20.55 1.74
C ARG D 44 29.63 20.84 0.31
N PRO D 45 30.94 20.93 0.06
CA PRO D 45 31.39 21.12 -1.32
C PRO D 45 30.99 19.95 -2.23
N LEU D 46 30.58 20.27 -3.46
CA LEU D 46 30.26 19.27 -4.48
C LEU D 46 31.52 18.45 -4.79
N GLU D 47 31.35 17.13 -5.03
CA GLU D 47 32.42 16.23 -5.43
C GLU D 47 32.10 15.73 -6.85
N LEU D 48 33.03 15.95 -7.81
CA LEU D 48 32.92 15.50 -9.19
C LEU D 48 34.22 14.78 -9.55
N LEU D 49 34.13 13.44 -9.66
CA LEU D 49 35.19 12.54 -10.09
C LEU D 49 34.83 11.90 -11.43
N GLY D 50 35.84 11.67 -12.28
CA GLY D 50 35.68 11.03 -13.58
C GLY D 50 35.50 12.01 -14.74
N PHE D 51 35.50 13.32 -14.47
CA PHE D 51 35.03 14.31 -15.44
C PHE D 51 36.14 14.73 -16.42
N GLN D 52 37.39 14.31 -16.14
CA GLN D 52 38.56 14.62 -16.95
C GLN D 52 38.71 13.56 -18.05
N LEU D 53 38.01 13.74 -19.18
CA LEU D 53 37.95 12.70 -20.19
C LEU D 53 39.16 12.77 -21.11
N PRO D 54 39.69 11.60 -21.54
CA PRO D 54 40.75 11.56 -22.57
C PRO D 54 40.21 11.96 -23.95
N PRO D 55 41.07 12.29 -24.94
CA PRO D 55 40.60 12.64 -26.28
C PRO D 55 39.74 11.58 -26.96
N LEU D 56 39.97 10.28 -26.68
CA LEU D 56 39.17 9.19 -27.22
C LEU D 56 38.65 8.31 -26.08
N PRO D 57 37.43 7.72 -26.17
CA PRO D 57 36.54 7.90 -27.32
C PRO D 57 35.97 9.31 -27.49
N GLU D 58 35.36 9.56 -28.67
CA GLU D 58 34.72 10.83 -28.95
C GLU D 58 33.31 10.84 -28.36
N LEU D 59 32.71 12.04 -28.36
CA LEU D 59 31.41 12.26 -27.71
C LEU D 59 30.45 12.85 -28.74
N ARG D 60 29.19 12.42 -28.61
CA ARG D 60 28.15 12.86 -29.51
C ARG D 60 27.72 14.26 -29.10
N LEU D 61 27.77 15.20 -30.06
CA LEU D 61 27.19 16.52 -29.88
C LEU D 61 26.11 16.71 -30.96
N ARG D 62 24.94 17.20 -30.54
CA ARG D 62 23.70 17.09 -31.29
C ARG D 62 22.90 18.38 -31.18
N ASN D 63 22.50 18.93 -32.34
CA ASN D 63 21.43 19.91 -32.37
C ASN D 63 20.11 19.15 -32.34
N ASN D 64 19.29 19.38 -31.30
CA ASN D 64 18.03 18.67 -31.13
C ASN D 64 16.83 19.57 -31.36
N GLY D 65 17.08 20.82 -31.80
CA GLY D 65 16.04 21.79 -32.08
C GLY D 65 15.67 22.65 -30.89
N HIS D 66 15.98 22.20 -29.67
CA HIS D 66 15.67 22.90 -28.44
C HIS D 66 16.95 23.42 -27.78
N SER D 67 18.08 22.73 -28.06
CA SER D 67 19.37 23.09 -27.48
C SER D 67 20.47 22.34 -28.24
N VAL D 68 21.74 22.58 -27.88
CA VAL D 68 22.85 21.72 -28.26
C VAL D 68 23.16 20.83 -27.07
N GLN D 69 23.32 19.53 -27.33
CA GLN D 69 23.40 18.55 -26.25
C GLN D 69 24.62 17.64 -26.47
N LEU D 70 25.47 17.58 -25.43
CA LEU D 70 26.62 16.69 -25.39
C LEU D 70 26.29 15.45 -24.56
N THR D 71 26.49 14.27 -25.17
CA THR D 71 26.26 13.01 -24.48
C THR D 71 27.53 12.65 -23.71
N LEU D 72 27.36 12.37 -22.41
CA LEU D 72 28.49 12.06 -21.55
C LEU D 72 28.57 10.56 -21.34
N PRO D 73 29.80 9.99 -21.27
CA PRO D 73 29.94 8.54 -21.10
C PRO D 73 29.77 8.08 -19.66
N PRO D 74 29.80 6.76 -19.42
CA PRO D 74 29.73 6.24 -18.05
C PRO D 74 30.95 6.71 -17.25
N GLY D 75 30.77 6.84 -15.93
CA GLY D 75 31.90 6.96 -15.02
C GLY D 75 32.12 8.37 -14.51
N LEU D 76 31.20 9.31 -14.84
CA LEU D 76 31.24 10.65 -14.26
C LEU D 76 30.39 10.63 -12.98
N GLU D 77 31.04 10.57 -11.82
CA GLU D 77 30.37 10.41 -10.53
C GLU D 77 30.34 11.76 -9.81
N MET D 78 29.20 12.03 -9.13
CA MET D 78 28.95 13.33 -8.55
C MET D 78 28.24 13.11 -7.22
N ALA D 79 28.58 13.87 -6.16
CA ALA D 79 27.91 13.72 -4.87
C ALA D 79 27.43 15.06 -4.33
N LEU D 80 26.19 15.11 -3.85
CA LEU D 80 25.58 16.30 -3.27
C LEU D 80 25.81 16.33 -1.74
N GLY D 81 26.19 15.17 -1.19
CA GLY D 81 26.33 14.97 0.23
C GLY D 81 26.75 13.54 0.46
N PRO D 82 27.07 13.14 1.72
CA PRO D 82 27.52 11.78 2.01
C PRO D 82 26.46 10.72 1.67
N GLY D 83 26.82 9.80 0.77
CA GLY D 83 25.92 8.73 0.36
C GLY D 83 24.95 9.14 -0.74
N ARG D 84 24.95 10.43 -1.10
CA ARG D 84 23.98 11.02 -2.03
C ARG D 84 24.65 11.25 -3.39
N GLU D 85 24.74 10.18 -4.17
CA GLU D 85 25.58 10.14 -5.36
C GLU D 85 24.73 9.99 -6.62
N TYR D 86 25.35 10.46 -7.73
CA TYR D 86 24.78 10.66 -9.04
C TYR D 86 25.81 10.27 -10.10
N ARG D 87 25.35 9.98 -11.32
CA ARG D 87 26.20 9.84 -12.49
C ARG D 87 25.74 10.81 -13.57
N ALA D 88 26.68 11.50 -14.23
CA ALA D 88 26.33 12.48 -15.25
C ALA D 88 25.86 11.79 -16.54
N LEU D 89 24.80 12.33 -17.14
CA LEU D 89 24.20 11.80 -18.37
C LEU D 89 24.55 12.66 -19.58
N GLN D 90 24.37 13.98 -19.46
CA GLN D 90 24.45 14.87 -20.61
C GLN D 90 24.61 16.30 -20.11
N LEU D 91 25.05 17.17 -21.01
CA LEU D 91 24.93 18.58 -20.73
C LEU D 91 24.44 19.31 -21.99
N HIS D 92 23.86 20.48 -21.76
CA HIS D 92 23.29 21.29 -22.83
C HIS D 92 23.21 22.73 -22.34
N LEU D 93 22.81 23.64 -23.22
CA LEU D 93 22.87 25.08 -22.93
C LEU D 93 21.52 25.75 -23.22
N HIS D 94 21.33 26.91 -22.56
CA HIS D 94 20.22 27.84 -22.78
C HIS D 94 20.81 29.24 -23.02
N TRP D 95 20.27 29.98 -24.01
CA TRP D 95 20.87 31.22 -24.43
C TRP D 95 19.84 32.16 -25.04
N GLY D 96 20.27 33.40 -25.35
CA GLY D 96 19.38 34.45 -25.81
C GLY D 96 19.48 34.68 -27.32
N ALA D 97 19.62 35.95 -27.72
CA ALA D 97 19.95 36.31 -29.09
C ALA D 97 20.73 37.61 -29.08
N ALA D 98 21.06 38.10 -30.28
CA ALA D 98 21.86 39.32 -30.42
C ALA D 98 21.28 40.39 -29.49
N GLY D 99 22.08 40.80 -28.51
CA GLY D 99 21.73 41.89 -27.60
C GLY D 99 20.80 41.50 -26.46
N ARG D 100 20.36 40.23 -26.35
CA ARG D 100 19.41 39.90 -25.31
C ARG D 100 19.85 38.64 -24.55
N PRO D 101 19.84 38.65 -23.19
CA PRO D 101 20.28 37.51 -22.39
C PRO D 101 19.27 36.36 -22.42
N GLY D 102 19.74 35.14 -22.10
CA GLY D 102 18.94 33.93 -22.28
C GLY D 102 19.13 32.86 -21.21
N SER D 103 19.57 33.24 -20.02
CA SER D 103 19.71 32.29 -18.91
C SER D 103 18.31 31.90 -18.44
N GLU D 104 18.19 30.82 -17.66
CA GLU D 104 16.90 30.31 -17.21
C GLU D 104 16.60 30.83 -15.80
N HIS D 105 17.53 30.55 -14.88
CA HIS D 105 17.46 31.15 -13.56
C HIS D 105 17.86 32.61 -13.71
N THR D 106 17.31 33.44 -12.82
CA THR D 106 17.60 34.85 -12.74
C THR D 106 18.04 35.07 -11.29
N VAL D 107 18.81 36.15 -11.05
CA VAL D 107 19.15 36.56 -9.69
C VAL D 107 18.66 37.98 -9.46
N GLU D 108 17.82 38.15 -8.43
CA GLU D 108 17.14 39.40 -8.09
C GLU D 108 16.65 40.09 -9.37
N GLY D 109 16.12 39.29 -10.32
CA GLY D 109 15.55 39.82 -11.55
C GLY D 109 16.50 39.77 -12.74
N HIS D 110 17.82 39.77 -12.49
CA HIS D 110 18.82 39.81 -13.55
C HIS D 110 18.94 38.46 -14.28
N ARG D 111 18.70 38.51 -15.61
CA ARG D 111 18.96 37.42 -16.52
C ARG D 111 20.40 37.54 -17.08
N PHE D 112 21.13 36.42 -17.11
CA PHE D 112 22.50 36.36 -17.59
C PHE D 112 22.53 35.96 -19.07
N PRO D 113 23.61 36.25 -19.82
CA PRO D 113 23.65 35.89 -21.25
C PRO D 113 23.23 34.45 -21.55
N ALA D 114 23.73 33.45 -20.78
CA ALA D 114 23.46 32.04 -21.04
C ALA D 114 23.61 31.21 -19.74
N GLU D 115 23.36 29.89 -19.88
CA GLU D 115 23.36 28.97 -18.75
C GLU D 115 23.64 27.56 -19.24
N ILE D 116 24.51 26.85 -18.50
CA ILE D 116 24.84 25.46 -18.76
C ILE D 116 24.16 24.56 -17.73
N HIS D 117 23.65 23.39 -18.18
CA HIS D 117 23.00 22.42 -17.31
C HIS D 117 23.70 21.09 -17.53
N VAL D 118 24.18 20.47 -16.42
CA VAL D 118 24.71 19.11 -16.43
C VAL D 118 23.73 18.23 -15.67
N VAL D 119 23.10 17.29 -16.40
CA VAL D 119 21.99 16.52 -15.88
C VAL D 119 22.52 15.17 -15.39
N HIS D 120 22.13 14.80 -14.15
CA HIS D 120 22.59 13.58 -13.50
C HIS D 120 21.41 12.70 -13.05
N LEU D 121 21.70 11.40 -12.94
CA LEU D 121 20.79 10.39 -12.43
C LEU D 121 21.30 9.88 -11.10
N SER D 122 20.43 9.87 -10.07
CA SER D 122 20.73 9.19 -8.82
C SER D 122 21.16 7.75 -9.08
N THR D 123 22.25 7.31 -8.43
CA THR D 123 22.73 5.94 -8.53
C THR D 123 21.85 4.96 -7.74
N ALA D 124 20.88 5.47 -6.99
CA ALA D 124 19.88 4.61 -6.35
C ALA D 124 18.86 4.07 -7.36
N PHE D 125 18.94 4.50 -8.63
CA PHE D 125 18.05 4.06 -9.70
C PHE D 125 18.85 3.61 -10.91
N ALA D 126 18.54 2.42 -11.47
CA ALA D 126 19.28 1.89 -12.62
C ALA D 126 19.00 2.66 -13.91
N ARG D 127 17.79 3.22 -14.04
CA ARG D 127 17.32 3.79 -15.29
C ARG D 127 16.76 5.19 -15.03
N VAL D 128 16.86 6.05 -16.02
CA VAL D 128 16.26 7.38 -15.93
C VAL D 128 14.75 7.30 -15.71
N ASP D 129 14.06 6.40 -16.43
CA ASP D 129 12.59 6.42 -16.40
C ASP D 129 12.06 6.07 -15.01
N GLU D 130 12.81 5.29 -14.23
CA GLU D 130 12.50 5.07 -12.82
C GLU D 130 12.65 6.33 -11.98
N ALA D 131 13.53 7.25 -12.40
CA ALA D 131 13.92 8.37 -11.53
C ALA D 131 12.98 9.56 -11.72
N LEU D 132 12.36 9.68 -12.90
CA LEU D 132 11.44 10.78 -13.19
C LEU D 132 10.34 10.92 -12.14
N GLY D 133 10.15 12.15 -11.63
CA GLY D 133 9.08 12.44 -10.68
C GLY D 133 9.39 11.99 -9.26
N ARG D 134 10.46 11.22 -9.06
CA ARG D 134 10.85 10.74 -7.74
C ARG D 134 11.80 11.77 -7.12
N PRO D 135 11.68 12.06 -5.81
CA PRO D 135 12.51 13.05 -5.14
C PRO D 135 14.00 12.66 -5.12
N GLY D 136 14.82 13.58 -5.67
CA GLY D 136 16.25 13.38 -5.75
C GLY D 136 16.64 12.47 -6.91
N GLY D 137 15.65 12.02 -7.68
CA GLY D 137 15.90 11.08 -8.77
C GLY D 137 16.88 11.63 -9.80
N LEU D 138 16.66 12.89 -10.20
CA LEU D 138 17.54 13.63 -11.07
C LEU D 138 18.11 14.81 -10.31
N ALA D 139 19.32 15.21 -10.72
CA ALA D 139 19.98 16.40 -10.18
C ALA D 139 20.67 17.12 -11.34
N VAL D 140 20.46 18.45 -11.40
CA VAL D 140 21.06 19.29 -12.41
C VAL D 140 22.01 20.27 -11.72
N LEU D 141 23.22 20.36 -12.28
CA LEU D 141 24.19 21.39 -11.89
C LEU D 141 24.07 22.52 -12.89
N ALA D 142 23.81 23.74 -12.38
CA ALA D 142 23.64 24.89 -13.25
C ALA D 142 24.65 25.99 -12.91
N ALA D 143 25.24 26.57 -13.98
CA ALA D 143 26.15 27.71 -13.89
C ALA D 143 25.76 28.76 -14.93
N PHE D 144 25.77 30.04 -14.53
CA PHE D 144 25.59 31.13 -15.47
C PHE D 144 26.84 31.37 -16.31
N LEU D 145 26.65 31.69 -17.59
CA LEU D 145 27.70 32.15 -18.47
C LEU D 145 27.50 33.65 -18.68
N GLU D 146 28.55 34.43 -18.38
CA GLU D 146 28.62 35.88 -18.52
C GLU D 146 29.64 36.28 -19.58
N GLU D 147 29.57 37.56 -19.99
CA GLU D 147 30.58 38.11 -20.88
C GLU D 147 31.85 38.47 -20.12
N GLY D 148 33.00 38.05 -20.67
CA GLY D 148 34.31 38.38 -20.13
C GLY D 148 35.26 38.85 -21.24
N PRO D 149 36.45 39.37 -20.88
CA PRO D 149 37.42 39.81 -21.89
C PRO D 149 38.09 38.68 -22.69
N GLU D 150 38.32 37.53 -22.05
CA GLU D 150 39.11 36.46 -22.65
C GLU D 150 38.21 35.45 -23.36
N GLU D 151 38.80 34.82 -24.37
CA GLU D 151 38.27 33.62 -24.98
C GLU D 151 38.43 32.46 -23.98
N ASN D 152 37.35 31.70 -23.79
CA ASN D 152 37.32 30.56 -22.88
C ASN D 152 37.76 29.31 -23.64
N SER D 153 38.81 28.66 -23.14
CA SER D 153 39.38 27.51 -23.81
C SER D 153 38.43 26.31 -23.81
N ALA D 154 37.72 26.11 -22.70
CA ALA D 154 36.92 24.92 -22.52
C ALA D 154 35.66 24.99 -23.39
N TYR D 155 35.02 26.17 -23.44
CA TYR D 155 33.79 26.37 -24.19
C TYR D 155 34.08 26.37 -25.70
N GLU D 156 35.29 26.84 -26.07
CA GLU D 156 35.68 26.91 -27.47
C GLU D 156 35.68 25.53 -28.15
N GLN D 157 35.96 24.46 -27.40
CA GLN D 157 35.88 23.12 -27.96
C GLN D 157 34.46 22.76 -28.41
N LEU D 158 33.43 23.37 -27.84
CA LEU D 158 32.07 23.07 -28.25
C LEU D 158 31.57 24.11 -29.24
N LEU D 159 31.84 25.39 -28.97
CA LEU D 159 31.36 26.50 -29.79
C LEU D 159 31.92 26.46 -31.21
N SER D 160 33.10 25.85 -31.38
CA SER D 160 33.76 25.79 -32.68
C SER D 160 33.15 24.68 -33.52
N ARG D 161 32.28 23.84 -32.94
CA ARG D 161 31.79 22.66 -33.63
C ARG D 161 30.32 22.85 -34.00
N LEU D 162 29.77 24.02 -33.66
CA LEU D 162 28.35 24.30 -33.78
C LEU D 162 27.94 24.47 -35.26
N GLU D 163 28.88 24.91 -36.10
CA GLU D 163 28.57 25.26 -37.48
C GLU D 163 28.29 23.97 -38.27
N GLU D 164 28.90 22.86 -37.84
CA GLU D 164 28.71 21.56 -38.49
C GLU D 164 27.38 20.90 -38.12
N ILE D 165 26.65 21.45 -37.13
CA ILE D 165 25.38 20.88 -36.67
C ILE D 165 24.27 21.94 -36.69
N ALA D 166 24.41 22.97 -37.55
CA ALA D 166 23.55 24.14 -37.51
C ALA D 166 22.09 23.78 -37.81
N GLU D 167 21.89 22.76 -38.65
CA GLU D 167 20.55 22.35 -39.04
C GLU D 167 19.92 21.48 -37.95
N GLU D 168 18.64 21.73 -37.66
CA GLU D 168 17.89 20.99 -36.65
C GLU D 168 18.08 19.50 -36.91
N GLY D 169 18.41 18.74 -35.84
CA GLY D 169 18.51 17.29 -35.89
C GLY D 169 19.84 16.74 -36.41
N SER D 170 20.82 17.60 -36.74
CA SER D 170 22.13 17.11 -37.16
C SER D 170 23.05 16.95 -35.95
N GLU D 171 24.11 16.15 -36.12
CA GLU D 171 24.99 15.82 -35.00
C GLU D 171 26.41 15.54 -35.49
N THR D 172 27.37 15.61 -34.55
CA THR D 172 28.78 15.41 -34.86
C THR D 172 29.45 14.69 -33.69
N GLN D 173 30.61 14.08 -33.93
CA GLN D 173 31.46 13.51 -32.89
C GLN D 173 32.54 14.54 -32.53
N VAL D 174 32.76 14.81 -31.23
CA VAL D 174 33.82 15.73 -30.80
C VAL D 174 34.86 14.98 -29.97
N PRO D 175 36.14 15.43 -29.91
CA PRO D 175 37.14 14.84 -29.02
C PRO D 175 36.71 14.93 -27.54
N GLY D 176 37.13 13.93 -26.74
CA GLY D 176 36.98 14.01 -25.28
C GLY D 176 37.55 15.32 -24.74
N LEU D 177 36.86 15.89 -23.74
CA LEU D 177 37.28 17.12 -23.09
C LEU D 177 37.10 16.98 -21.59
N ASP D 178 37.72 17.91 -20.85
CA ASP D 178 37.55 17.93 -19.41
C ASP D 178 36.25 18.66 -19.13
N ILE D 179 35.24 17.90 -18.70
CA ILE D 179 33.92 18.46 -18.46
C ILE D 179 33.95 19.41 -17.26
N SER D 180 34.75 19.10 -16.22
CA SER D 180 34.80 19.94 -15.03
C SER D 180 35.27 21.36 -15.34
N ALA D 181 36.02 21.52 -16.44
CA ALA D 181 36.62 22.79 -16.83
C ALA D 181 35.57 23.75 -17.37
N LEU D 182 34.33 23.28 -17.63
CA LEU D 182 33.23 24.12 -18.08
C LEU D 182 32.50 24.77 -16.90
N LEU D 183 32.92 24.45 -15.66
CA LEU D 183 32.17 24.87 -14.47
C LEU D 183 32.97 25.90 -13.67
N PRO D 184 32.32 26.68 -12.77
CA PRO D 184 33.00 27.69 -11.94
C PRO D 184 34.12 27.17 -11.04
N SER D 185 34.89 28.10 -10.43
CA SER D 185 36.08 27.68 -9.67
C SER D 185 35.73 27.08 -8.32
N ASP D 186 34.76 27.68 -7.61
CA ASP D 186 34.53 27.31 -6.22
C ASP D 186 33.30 26.38 -6.14
N PHE D 187 33.55 25.11 -5.82
CA PHE D 187 32.52 24.07 -5.73
C PHE D 187 31.83 24.08 -4.37
N SER D 188 32.22 25.00 -3.46
CA SER D 188 31.66 25.05 -2.12
C SER D 188 30.51 26.05 -2.01
N ARG D 189 30.28 26.85 -3.07
CA ARG D 189 29.39 28.00 -3.05
C ARG D 189 28.29 27.87 -4.10
N TYR D 190 27.07 27.57 -3.64
CA TYR D 190 25.95 27.27 -4.52
C TYR D 190 24.62 27.55 -3.82
N PHE D 191 23.59 27.77 -4.64
CA PHE D 191 22.21 27.71 -4.22
C PHE D 191 21.62 26.34 -4.56
N GLN D 192 20.66 25.87 -3.75
CA GLN D 192 20.05 24.57 -3.97
C GLN D 192 18.56 24.60 -3.58
N TYR D 193 17.69 24.09 -4.46
CA TYR D 193 16.27 23.91 -4.18
C TYR D 193 15.78 22.69 -4.98
N GLU D 194 14.54 22.25 -4.72
CA GLU D 194 13.94 21.14 -5.45
C GLU D 194 12.88 21.70 -6.40
N GLY D 195 12.96 21.27 -7.67
CA GLY D 195 12.07 21.80 -8.69
C GLY D 195 11.82 20.78 -9.79
N SER D 196 11.91 21.23 -11.06
CA SER D 196 11.47 20.41 -12.20
C SER D 196 12.46 20.52 -13.36
N LEU D 197 12.23 19.68 -14.37
CA LEU D 197 12.72 19.95 -15.71
C LEU D 197 12.05 21.24 -16.20
N THR D 198 12.81 22.02 -16.99
CA THR D 198 12.39 23.34 -17.44
C THR D 198 11.84 23.23 -18.86
N THR D 199 11.81 21.99 -19.40
CA THR D 199 11.05 21.69 -20.60
C THR D 199 10.09 20.55 -20.29
N PRO D 200 9.05 20.32 -21.13
CA PRO D 200 8.25 19.09 -21.05
C PRO D 200 9.21 17.92 -21.12
N PRO D 201 9.03 16.83 -20.32
CA PRO D 201 7.83 16.58 -19.52
C PRO D 201 7.61 17.31 -18.19
N CYS D 202 8.50 18.25 -17.82
CA CYS D 202 8.33 19.12 -16.67
C CYS D 202 8.22 18.30 -15.37
N ALA D 203 8.81 17.09 -15.35
CA ALA D 203 8.85 16.23 -14.18
C ALA D 203 9.46 16.97 -12.99
N GLN D 204 8.85 16.78 -11.81
CA GLN D 204 9.31 17.37 -10.56
C GLN D 204 10.19 16.35 -9.83
N GLY D 205 10.71 16.76 -8.67
CA GLY D 205 11.65 15.97 -7.88
C GLY D 205 13.12 16.28 -8.19
N VAL D 206 13.38 17.23 -9.10
CA VAL D 206 14.72 17.49 -9.60
C VAL D 206 15.43 18.41 -8.60
N ILE D 207 16.55 17.94 -8.04
CA ILE D 207 17.40 18.82 -7.23
C ILE D 207 18.22 19.70 -8.17
N TRP D 208 18.00 21.02 -8.05
CA TRP D 208 18.78 22.05 -8.75
C TRP D 208 19.88 22.61 -7.85
N THR D 209 21.13 22.57 -8.32
CA THR D 209 22.26 23.22 -7.66
C THR D 209 22.81 24.30 -8.60
N VAL D 210 22.67 25.57 -8.18
CA VAL D 210 23.07 26.72 -8.98
C VAL D 210 24.30 27.36 -8.32
N PHE D 211 25.43 27.29 -9.04
CA PHE D 211 26.69 27.88 -8.61
C PHE D 211 26.53 29.39 -8.43
N GLN D 212 27.04 29.88 -7.30
CA GLN D 212 27.14 31.30 -7.01
C GLN D 212 27.98 32.01 -8.07
N GLN D 213 29.13 31.43 -8.43
CA GLN D 213 30.04 32.07 -9.37
C GLN D 213 29.74 31.73 -10.81
N THR D 214 30.06 32.67 -11.69
CA THR D 214 29.84 32.57 -13.11
C THR D 214 31.07 31.98 -13.82
N VAL D 215 30.86 31.61 -15.08
CA VAL D 215 31.92 31.32 -16.02
C VAL D 215 31.91 32.45 -17.07
N MET D 216 33.06 32.72 -17.70
CA MET D 216 33.17 33.87 -18.59
C MET D 216 33.54 33.43 -20.00
N LEU D 217 32.85 34.02 -20.99
CA LEU D 217 33.04 33.73 -22.41
C LEU D 217 33.25 35.06 -23.15
N SER D 218 34.01 35.07 -24.23
CA SER D 218 34.16 36.30 -25.01
C SER D 218 32.83 36.65 -25.67
N ALA D 219 32.65 37.92 -26.04
CA ALA D 219 31.44 38.34 -26.72
C ALA D 219 31.31 37.60 -28.05
N LYS D 220 32.45 37.29 -28.69
CA LYS D 220 32.43 36.54 -29.94
C LYS D 220 31.84 35.15 -29.71
N GLN D 221 32.25 34.53 -28.60
CA GLN D 221 31.82 33.19 -28.22
C GLN D 221 30.31 33.12 -27.95
N LEU D 222 29.80 34.06 -27.14
CA LEU D 222 28.37 34.14 -26.90
C LEU D 222 27.58 34.35 -28.19
N HIS D 223 28.10 35.17 -29.11
CA HIS D 223 27.47 35.40 -30.40
C HIS D 223 27.44 34.09 -31.20
N THR D 224 28.54 33.32 -31.22
CA THR D 224 28.57 32.05 -31.92
C THR D 224 27.46 31.14 -31.39
N LEU D 225 27.22 31.21 -30.07
CA LEU D 225 26.25 30.33 -29.40
C LEU D 225 24.82 30.65 -29.81
N SER D 226 24.48 31.96 -29.78
CA SER D 226 23.12 32.42 -30.03
C SER D 226 22.80 32.48 -31.54
N ASP D 227 23.82 32.50 -32.41
CA ASP D 227 23.61 32.94 -33.78
C ASP D 227 23.94 31.83 -34.79
N THR D 228 24.42 30.66 -34.34
CA THR D 228 24.88 29.62 -35.25
C THR D 228 23.82 28.54 -35.53
N LEU D 229 22.87 28.31 -34.61
CA LEU D 229 22.03 27.12 -34.67
C LEU D 229 20.63 27.45 -35.19
N TRP D 230 20.05 26.50 -35.95
CA TRP D 230 18.69 26.61 -36.47
C TRP D 230 17.73 25.63 -35.77
N GLY D 231 16.53 26.13 -35.43
CA GLY D 231 15.57 25.41 -34.59
C GLY D 231 14.36 24.89 -35.36
N PRO D 232 13.16 24.79 -34.72
CA PRO D 232 11.95 24.36 -35.40
C PRO D 232 11.43 25.44 -36.36
N GLY D 233 10.60 25.01 -37.32
CA GLY D 233 10.29 25.80 -38.50
C GLY D 233 11.51 25.86 -39.40
N ASP D 234 11.62 26.93 -40.18
CA ASP D 234 12.88 27.29 -40.82
C ASP D 234 13.39 28.56 -40.14
N SER D 235 13.48 28.55 -38.79
CA SER D 235 13.88 29.73 -38.02
C SER D 235 14.98 29.40 -37.00
N ARG D 236 15.55 30.45 -36.39
CA ARG D 236 16.77 30.34 -35.59
C ARG D 236 16.48 29.68 -34.23
N LEU D 237 17.51 29.04 -33.67
CA LEU D 237 17.44 28.49 -32.33
C LEU D 237 18.02 29.51 -31.35
N GLN D 238 17.11 30.21 -30.65
CA GLN D 238 17.45 31.34 -29.80
C GLN D 238 16.41 31.48 -28.70
N LEU D 239 16.78 32.20 -27.63
CA LEU D 239 15.88 32.47 -26.53
C LEU D 239 15.21 31.16 -26.14
N ASN D 240 16.03 30.10 -25.95
CA ASN D 240 15.56 28.76 -25.59
C ASN D 240 15.55 28.65 -24.06
N PHE D 241 14.86 29.57 -23.40
CA PHE D 241 14.71 29.56 -21.94
C PHE D 241 13.22 29.56 -21.57
N ARG D 242 12.93 29.07 -20.36
CA ARG D 242 11.59 29.10 -19.81
C ARG D 242 11.51 30.28 -18.86
N ALA D 243 10.32 30.90 -18.78
CA ALA D 243 10.03 31.92 -17.79
C ALA D 243 10.25 31.38 -16.38
N THR D 244 10.71 32.27 -15.51
CA THR D 244 10.80 32.07 -14.07
C THR D 244 9.44 31.64 -13.50
N GLN D 245 9.46 30.75 -12.50
CA GLN D 245 8.26 30.10 -11.96
C GLN D 245 8.17 30.40 -10.47
N PRO D 246 6.95 30.40 -9.87
CA PRO D 246 6.81 30.72 -8.45
C PRO D 246 7.32 29.64 -7.48
N LEU D 247 7.88 30.10 -6.35
CA LEU D 247 8.46 29.21 -5.36
C LEU D 247 7.37 28.44 -4.62
N ASN D 248 6.16 29.02 -4.52
CA ASN D 248 5.02 28.41 -3.84
C ASN D 248 5.43 27.81 -2.50
N GLY D 249 6.22 28.56 -1.71
CA GLY D 249 6.55 28.18 -0.33
C GLY D 249 7.95 27.62 -0.16
N ARG D 250 8.54 27.13 -1.28
CA ARG D 250 9.91 26.64 -1.32
C ARG D 250 10.88 27.75 -0.89
N VAL D 251 11.75 27.41 0.08
CA VAL D 251 12.86 28.26 0.49
C VAL D 251 14.15 27.79 -0.17
N ILE D 252 14.80 28.68 -0.93
CA ILE D 252 16.07 28.38 -1.59
C ILE D 252 17.19 28.43 -0.57
N GLU D 253 18.06 27.41 -0.64
CA GLU D 253 19.15 27.25 0.33
C GLU D 253 20.46 27.72 -0.30
N ALA D 254 21.40 28.18 0.53
CA ALA D 254 22.73 28.62 0.11
C ALA D 254 23.78 27.93 0.99
N SER D 255 24.89 27.48 0.38
CA SER D 255 25.99 26.84 1.08
C SER D 255 26.89 27.86 1.80
N PHE D 256 26.58 29.16 1.67
CA PHE D 256 27.45 30.22 2.14
C PHE D 256 26.63 31.31 2.82
N PRO D 257 27.18 32.00 3.86
CA PRO D 257 26.47 33.10 4.53
C PRO D 257 26.38 34.39 3.68
ZN ZN E . -4.35 -9.90 -15.66
O6 V8O F . -5.09 -9.89 -12.85
S4 V8O F . -4.13 -10.97 -13.19
O5 V8O F . -4.74 -12.00 -12.35
N1 V8O F . -3.84 -11.59 -14.70
C7 V8O F . -2.83 -10.81 -12.10
C11 V8O F . -3.21 -9.83 -11.27
C10 V8O F . -2.38 -9.50 -10.43
C9 V8O F . -1.22 -10.18 -10.40
S8 V8O F . -1.18 -11.40 -11.67
C12 V8O F . -0.30 -9.77 -9.30
C17 V8O F . 1.07 -9.98 -9.13
N16 V8O F . 1.71 -9.52 -8.04
C15 V8O F . 1.09 -8.78 -7.07
C14 V8O F . -0.39 -8.53 -7.26
C18 V8O F . -1.35 -7.81 -6.37
C13 V8O F . -0.99 -9.03 -8.35
C19 V8O F . 1.84 -8.35 -5.83
C24 V8O F . 1.82 -6.92 -5.45
C25 V8O F . 1.15 -5.91 -6.20
C26 V8O F . 1.14 -4.58 -5.78
C27 V8O F . 1.83 -4.28 -4.58
N28 V8O F . 2.48 -5.24 -3.85
C23 V8O F . 2.54 -6.58 -4.18
C22 V8O F . 3.21 -7.59 -3.40
C21 V8O F . 3.18 -8.94 -3.80
C20 V8O F . 2.50 -9.30 -4.99
C1 GOL G . 1.28 -9.40 -15.86
O1 GOL G . 0.07 -10.13 -16.05
C2 GOL G . 1.18 -8.40 -14.72
O2 GOL G . 0.98 -7.07 -15.21
C3 GOL G . 0.12 -8.75 -13.71
O3 GOL G . -0.10 -7.66 -12.80
ZN ZN H . -22.90 -17.86 19.69
O6 V8O I . -20.83 -15.32 17.49
S4 V8O I . -21.02 -16.38 18.47
O5 V8O I . -20.74 -17.54 17.62
N1 V8O I . -22.29 -15.95 19.37
C7 V8O I . -19.50 -15.97 19.12
C11 V8O I . -19.27 -14.88 19.93
C10 V8O I . -17.93 -14.77 20.32
C9 V8O I . -17.13 -15.82 19.89
S8 V8O I . -18.05 -16.84 18.84
C12 V8O I . -15.66 -15.97 19.96
C17 V8O I . -14.97 -15.08 20.80
N16 V8O I . -13.64 -15.05 20.86
C15 V8O I . -12.86 -15.88 20.11
C14 V8O I . -13.55 -16.80 19.13
C18 V8O I . -12.93 -17.83 18.20
C13 V8O I . -14.95 -16.81 19.11
C19 V8O I . -11.40 -15.59 20.20
C24 V8O I . -10.33 -16.53 20.31
C25 V8O I . -10.62 -17.86 20.46
C26 V8O I . -9.54 -18.73 20.58
C27 V8O I . -8.23 -18.23 20.56
N28 V8O I . -7.95 -16.91 20.39
C23 V8O I . -8.93 -15.98 20.27
C22 V8O I . -8.60 -14.61 20.11
C21 V8O I . -9.67 -13.73 19.98
C20 V8O I . -11.00 -14.22 20.00
C1 GOL J . -18.06 -18.08 22.58
O1 GOL J . -16.66 -17.97 22.85
C2 GOL J . -18.90 -17.74 23.80
O2 GOL J . -19.32 -18.95 24.45
C3 GOL J . -20.09 -16.86 23.48
O3 GOL J . -20.64 -16.24 24.65
ZN ZN K . 11.60 1.85 15.02
O6 V8O L . 11.30 2.77 12.42
S4 V8O L . 12.32 1.70 12.45
O5 V8O L . 13.32 2.27 11.54
N1 V8O L . 12.94 0.98 13.77
C7 V8O L . 11.89 0.51 11.33
C11 V8O L . 12.53 -0.72 11.24
C10 V8O L . 11.96 -1.54 10.24
C9 V8O L . 10.89 -0.98 9.57
S8 V8O L . 10.59 0.63 10.13
C12 V8O L . 10.04 -1.43 8.41
C17 V8O L . 10.00 -2.79 8.02
N16 V8O L . 9.32 -3.21 6.97
C15 V8O L . 8.57 -2.36 6.23
C14 V8O L . 8.60 -0.90 6.56
C18 V8O L . 7.90 0.20 5.82
C13 V8O L . 9.34 -0.49 7.65
C19 V8O L . 7.86 -2.88 5.03
C24 V8O L . 6.38 -2.62 4.77
C25 V8O L . 5.51 -1.87 5.60
C26 V8O L . 4.14 -1.67 5.22
C27 V8O L . 3.66 -2.20 4.01
N28 V8O L . 4.50 -2.91 3.21
C23 V8O L . 5.84 -3.17 3.48
C22 V8O L . 6.71 -3.90 2.63
C21 V8O L . 8.07 -4.12 2.90
C20 V8O L . 8.64 -3.61 4.09
C1 GOL M . 10.07 -2.36 14.39
O1 GOL M . 11.32 -2.76 13.84
C2 GOL M . 8.92 -3.02 13.65
O2 GOL M . 7.76 -3.08 14.51
C3 GOL M . 8.59 -2.32 12.36
O3 GOL M . 8.35 -3.26 11.30
ZN ZN N . 18.39 22.74 -19.35
O6 V8O O . 18.03 20.56 -17.48
S4 V8O O . 16.78 20.94 -18.18
O5 V8O O . 16.00 20.97 -16.98
N1 V8O O . 16.45 22.35 -18.84
C7 V8O O . 16.10 19.57 -18.87
C11 V8O O . 14.88 19.52 -19.59
C10 V8O O . 14.53 18.24 -20.08
C9 V8O O . 15.46 17.27 -19.67
S8 V8O O . 16.80 17.98 -18.78
C12 V8O O . 15.55 15.81 -19.90
C17 V8O O . 14.79 15.25 -20.93
N16 V8O O . 14.85 13.95 -21.17
C15 V8O O . 15.63 13.09 -20.45
C14 V8O O . 16.40 13.64 -19.34
C18 V8O O . 17.28 12.77 -18.47
C13 V8O O . 16.33 14.99 -19.11
C19 V8O O . 15.68 11.60 -20.74
C24 V8O O . 14.44 10.85 -20.56
C25 V8O O . 13.27 11.49 -20.15
C26 V8O O . 12.14 10.69 -20.01
C27 V8O O . 12.20 9.30 -20.24
N28 V8O O . 13.33 8.69 -20.63
C23 V8O O . 14.49 9.37 -20.81
C22 V8O O . 15.68 8.74 -21.21
C21 V8O O . 16.87 9.50 -21.38
C20 V8O O . 16.84 10.89 -21.15
C1 GOL P . 17.30 18.02 -23.05
O1 GOL P . 18.28 17.45 -22.17
C2 GOL P . 17.61 19.48 -23.34
O2 GOL P . 18.09 19.60 -24.67
C3 GOL P . 16.41 20.36 -23.08
O3 GOL P . 16.34 21.44 -24.01
#